data_7EA6
#
_entry.id   7EA6
#
_cell.length_a   81.049
_cell.length_b   81.175
_cell.length_c   315.105
_cell.angle_alpha   90.000
_cell.angle_beta   90.000
_cell.angle_gamma   90.000
#
_symmetry.space_group_name_H-M   'C 2 2 21'
#
loop_
_entity.id
_entity.type
_entity.pdbx_description
1 polymer 'T cell receptor 017 alpha chain'
2 polymer 'T cell receptor 017 beta chain'
3 water water
#
loop_
_entity_poly.entity_id
_entity_poly.type
_entity_poly.pdbx_seq_one_letter_code
_entity_poly.pdbx_strand_id
1 'polypeptide(L)'
;QRKEVEQDPGPFNVPEGATVAFNCTYSNSASQSFFWYRQDCRKEPKLLMSVYSSGNEDGRFTAQLNRASQYISLLIRDSK
LSDSATYLCVVNRGSSYKLIFGSGTRLLVRPDIQNPDPAVYQLRDSKSSDKSVCLFTDFDSQTNVSQSKDSDVYITDKCV
LDMRSMDFKSNSAVAWSNKSDFACANAFNNSIIPEDTFFPS
;
D,A
2 'polypeptide(L)'
;GVAQSPRYKIIEKRQSVAFWCNPISGHATLYWYQQILGQGPKLLIQFQNNGVVDDSQLPKDRFSAERLKGVDSTLKIQPA
KLEDSAVYLCASSQTYEQYFGPGTRLTVTEDLKNVFPPEVAVFEPSEAEISHTQKATLVCLATGFYPDHVELSWWVNGKE
VHSGVCTDPQPLKEQPALNDSRYALSSRLRVSATFWQNPRNHFRCQVQFYGLSENDEWTQDRAKPVTQIVSAEAWGRAD
;
E,B
#
# COMPACT_ATOMS: atom_id res chain seq x y z
N GLU A 4 -37.04 13.47 -12.26
CA GLU A 4 -36.16 14.52 -12.79
C GLU A 4 -35.67 15.45 -11.68
N VAL A 5 -34.36 15.44 -11.48
CA VAL A 5 -33.69 16.33 -10.56
C VAL A 5 -32.80 17.24 -11.39
N GLU A 6 -32.93 18.57 -11.22
CA GLU A 6 -32.21 19.55 -12.05
C GLU A 6 -31.53 20.59 -11.18
N GLN A 7 -30.23 20.80 -11.40
CA GLN A 7 -29.46 21.78 -10.62
C GLN A 7 -28.66 22.66 -11.58
N ASP A 8 -27.89 23.57 -11.04
CA ASP A 8 -27.14 24.51 -11.87
C ASP A 8 -26.18 23.75 -12.81
N PRO A 9 -26.11 24.12 -14.09
CA PRO A 9 -25.10 23.46 -14.95
C PRO A 9 -23.68 23.71 -14.46
N GLY A 10 -23.39 24.90 -13.91
CA GLY A 10 -22.04 25.24 -13.56
C GLY A 10 -21.18 25.37 -14.80
N PRO A 11 -19.85 25.44 -14.64
CA PRO A 11 -19.17 25.44 -13.35
C PRO A 11 -19.27 26.80 -12.63
N PHE A 12 -18.98 26.83 -11.33
CA PHE A 12 -18.86 28.06 -10.57
C PHE A 12 -17.37 28.27 -10.28
N ASN A 13 -16.87 29.43 -10.69
CA ASN A 13 -15.48 29.85 -10.58
C ASN A 13 -15.50 31.14 -9.77
N VAL A 14 -15.18 31.08 -8.49
CA VAL A 14 -15.34 32.26 -7.65
C VAL A 14 -14.02 32.54 -6.95
N PRO A 15 -13.74 33.78 -6.58
CA PRO A 15 -12.58 34.07 -5.76
C PRO A 15 -12.87 33.66 -4.32
N GLU A 16 -11.82 33.25 -3.62
CA GLU A 16 -11.92 32.91 -2.21
C GLU A 16 -12.52 34.07 -1.44
N GLY A 17 -13.54 33.77 -0.62
CA GLY A 17 -14.31 34.78 0.10
C GLY A 17 -15.70 34.99 -0.45
N ALA A 18 -15.93 34.60 -1.70
CA ALA A 18 -17.21 34.84 -2.35
C ALA A 18 -18.31 33.95 -1.79
N THR A 19 -19.52 34.50 -1.79
CA THR A 19 -20.72 33.71 -1.58
C THR A 19 -21.11 33.02 -2.88
N VAL A 20 -21.50 31.75 -2.79
CA VAL A 20 -21.86 30.96 -3.96
C VAL A 20 -23.19 30.28 -3.68
N ALA A 21 -24.13 30.42 -4.61
CA ALA A 21 -25.48 29.92 -4.42
C ALA A 21 -25.77 28.80 -5.40
N PHE A 22 -26.27 27.67 -4.89
CA PHE A 22 -26.72 26.54 -5.70
C PHE A 22 -28.23 26.37 -5.55
N ASN A 23 -28.88 25.95 -6.63
CA ASN A 23 -30.32 25.67 -6.55
C ASN A 23 -30.61 24.44 -7.39
N CYS A 24 -31.64 23.70 -6.97
CA CYS A 24 -31.95 22.39 -7.51
C CYS A 24 -33.45 22.17 -7.41
N THR A 25 -34.05 21.65 -8.47
CA THR A 25 -35.49 21.47 -8.54
C THR A 25 -35.83 20.00 -8.74
N TYR A 26 -36.92 19.54 -8.12
CA TYR A 26 -37.37 18.16 -8.24
C TYR A 26 -38.82 18.12 -8.71
N SER A 27 -39.13 17.16 -9.58
CA SER A 27 -40.40 17.19 -10.30
C SER A 27 -41.56 16.52 -9.57
N ASN A 28 -41.30 15.57 -8.69
CA ASN A 28 -42.37 14.89 -7.97
C ASN A 28 -42.62 15.56 -6.64
N SER A 29 -43.84 16.09 -6.45
CA SER A 29 -44.21 16.74 -5.21
C SER A 29 -44.17 15.80 -4.00
N ALA A 30 -44.27 14.49 -4.23
CA ALA A 30 -44.34 13.51 -3.16
C ALA A 30 -42.99 13.20 -2.53
N SER A 31 -41.90 13.63 -3.16
CA SER A 31 -40.56 13.40 -2.63
C SER A 31 -40.43 13.93 -1.19
N GLN A 32 -39.66 13.20 -0.37
CA GLN A 32 -39.62 13.38 1.07
C GLN A 32 -38.25 13.69 1.65
N SER A 33 -37.17 13.20 1.05
CA SER A 33 -35.85 13.29 1.66
C SER A 33 -34.89 13.92 0.67
N PHE A 34 -34.10 14.87 1.15
CA PHE A 34 -33.34 15.77 0.29
C PHE A 34 -31.97 15.96 0.89
N PHE A 35 -30.97 15.98 0.02
CA PHE A 35 -29.58 16.02 0.45
C PHE A 35 -28.76 16.85 -0.51
N TRP A 36 -27.69 17.42 0.00
CA TRP A 36 -26.57 17.87 -0.81
C TRP A 36 -25.40 16.93 -0.50
N TYR A 37 -24.88 16.31 -1.54
CA TYR A 37 -23.66 15.54 -1.44
C TYR A 37 -22.54 16.30 -2.13
N ARG A 38 -21.32 16.03 -1.71
CA ARG A 38 -20.13 16.60 -2.34
C ARG A 38 -19.22 15.48 -2.83
N GLN A 39 -18.43 15.77 -3.87
CA GLN A 39 -17.60 14.75 -4.53
C GLN A 39 -16.38 15.41 -5.15
N ASP A 40 -15.19 14.99 -4.73
CA ASP A 40 -13.99 15.33 -5.48
C ASP A 40 -13.86 14.46 -6.72
N CYS A 41 -13.01 14.87 -7.65
CA CYS A 41 -13.08 14.35 -9.01
C CYS A 41 -12.79 12.85 -9.06
N ARG A 42 -11.72 12.41 -8.40
CA ARG A 42 -11.45 10.97 -8.27
C ARG A 42 -11.95 10.41 -6.94
N LYS A 43 -13.21 10.64 -6.56
CA LYS A 43 -13.71 10.08 -5.31
C LYS A 43 -15.20 9.76 -5.44
N GLU A 44 -15.83 9.46 -4.30
CA GLU A 44 -17.22 9.08 -4.21
C GLU A 44 -18.05 10.20 -3.62
N PRO A 45 -19.37 10.14 -3.80
CA PRO A 45 -20.23 11.10 -3.11
C PRO A 45 -20.18 10.90 -1.59
N LYS A 46 -20.01 12.02 -0.88
CA LYS A 46 -20.13 12.07 0.57
C LYS A 46 -21.17 13.10 0.98
N LEU A 47 -21.89 12.82 2.05
CA LEU A 47 -22.96 13.73 2.48
C LEU A 47 -22.37 15.04 2.97
N LEU A 48 -22.87 16.15 2.43
CA LEU A 48 -22.49 17.46 2.92
C LEU A 48 -23.49 17.94 3.96
N MET A 49 -24.77 17.97 3.59
CA MET A 49 -25.78 18.20 4.60
C MET A 49 -27.12 17.68 4.11
N SER A 50 -27.84 17.01 5.01
CA SER A 50 -29.23 16.70 4.76
C SER A 50 -30.01 18.00 4.72
N VAL A 51 -31.10 18.01 3.97
CA VAL A 51 -31.90 19.23 3.91
C VAL A 51 -33.20 18.97 4.65
N TYR A 52 -33.23 19.33 5.93
CA TYR A 52 -34.37 19.06 6.79
C TYR A 52 -35.53 19.99 6.43
N SER A 53 -36.71 19.70 7.00
CA SER A 53 -37.91 20.47 6.66
C SER A 53 -37.72 21.95 6.97
N SER A 54 -36.96 22.26 8.02
CA SER A 54 -36.58 23.63 8.31
C SER A 54 -35.29 24.04 7.61
N GLY A 55 -34.78 23.20 6.71
CA GLY A 55 -33.48 23.46 6.11
C GLY A 55 -32.37 22.99 7.03
N ASN A 56 -31.20 23.60 6.87
CA ASN A 56 -30.05 23.21 7.67
C ASN A 56 -29.05 24.35 7.69
N GLU A 57 -28.20 24.34 8.71
CA GLU A 57 -27.15 25.33 8.91
C GLU A 57 -25.95 24.62 9.48
N ASP A 58 -24.75 24.96 9.01
CA ASP A 58 -23.52 24.39 9.58
C ASP A 58 -22.37 25.33 9.20
N GLY A 59 -22.00 26.21 10.12
CA GLY A 59 -20.93 27.16 9.86
C GLY A 59 -21.23 28.02 8.64
N ARG A 60 -20.33 27.98 7.65
CA ARG A 60 -20.48 28.78 6.42
C ARG A 60 -21.64 28.30 5.54
N PHE A 61 -22.15 27.09 5.76
CA PHE A 61 -23.06 26.42 4.85
C PHE A 61 -24.51 26.52 5.33
N THR A 62 -25.40 26.93 4.43
CA THR A 62 -26.83 26.93 4.69
C THR A 62 -27.54 26.22 3.54
N ALA A 63 -28.52 25.40 3.88
CA ALA A 63 -29.40 24.74 2.93
C ALA A 63 -30.83 25.16 3.23
N GLN A 64 -31.67 25.18 2.20
CA GLN A 64 -33.09 25.47 2.39
C GLN A 64 -33.93 24.55 1.53
N LEU A 65 -35.09 24.19 2.06
CA LEU A 65 -36.12 23.49 1.28
C LEU A 65 -37.33 24.41 1.13
N ASN A 66 -37.80 24.55 -0.10
CA ASN A 66 -39.07 25.20 -0.42
C ASN A 66 -39.92 24.10 -1.03
N ARG A 67 -40.71 23.45 -0.19
CA ARG A 67 -41.48 22.32 -0.69
C ARG A 67 -42.59 22.77 -1.64
N ALA A 68 -43.19 23.94 -1.38
CA ALA A 68 -44.24 24.43 -2.27
C ALA A 68 -43.70 24.62 -3.69
N SER A 69 -42.54 25.24 -3.83
CA SER A 69 -41.93 25.43 -5.13
C SER A 69 -41.15 24.23 -5.64
N GLN A 70 -40.94 23.19 -4.82
CA GLN A 70 -40.17 22.00 -5.20
C GLN A 70 -38.74 22.36 -5.60
N TYR A 71 -38.02 23.05 -4.70
CA TYR A 71 -36.59 23.25 -4.89
C TYR A 71 -35.86 23.22 -3.55
N ILE A 72 -34.59 22.81 -3.60
CA ILE A 72 -33.70 23.00 -2.47
C ILE A 72 -32.57 23.90 -2.93
N SER A 73 -31.94 24.55 -1.95
CA SER A 73 -30.86 25.51 -2.17
C SER A 73 -29.68 25.14 -1.31
N LEU A 74 -28.49 25.55 -1.75
CA LEU A 74 -27.30 25.52 -0.92
C LEU A 74 -26.58 26.86 -1.07
N LEU A 75 -26.22 27.46 0.06
CA LEU A 75 -25.50 28.72 0.07
C LEU A 75 -24.20 28.53 0.83
N ILE A 76 -23.08 28.84 0.19
CA ILE A 76 -21.78 28.82 0.83
C ILE A 76 -21.28 30.25 0.97
N ARG A 77 -21.10 30.69 2.22
CA ARG A 77 -20.57 32.01 2.52
C ARG A 77 -19.06 31.92 2.66
N ASP A 78 -18.38 33.02 2.37
CA ASP A 78 -16.94 33.16 2.59
C ASP A 78 -16.18 31.90 2.15
N SER A 79 -16.37 31.56 0.88
CA SER A 79 -15.90 30.27 0.40
C SER A 79 -14.38 30.17 0.51
N LYS A 80 -13.92 28.94 0.69
CA LYS A 80 -12.51 28.65 0.87
C LYS A 80 -12.08 27.68 -0.21
N LEU A 81 -10.77 27.61 -0.44
CA LEU A 81 -10.23 26.67 -1.43
C LEU A 81 -10.70 25.24 -1.15
N SER A 82 -10.75 24.84 0.12
CA SER A 82 -11.22 23.50 0.45
C SER A 82 -12.67 23.25 0.05
N ASP A 83 -13.43 24.27 -0.33
CA ASP A 83 -14.79 24.03 -0.81
C ASP A 83 -14.85 23.57 -2.26
N SER A 84 -13.74 23.66 -3.00
CA SER A 84 -13.68 23.19 -4.38
C SER A 84 -14.01 21.71 -4.48
N ALA A 85 -15.05 21.40 -5.26
CA ALA A 85 -15.57 20.05 -5.40
C ALA A 85 -16.72 20.06 -6.38
N THR A 86 -17.35 18.92 -6.61
CA THR A 86 -18.60 18.85 -7.35
C THR A 86 -19.75 18.62 -6.36
N TYR A 87 -20.77 19.45 -6.45
CA TYR A 87 -21.88 19.41 -5.51
C TYR A 87 -23.08 18.73 -6.17
N LEU A 88 -23.52 17.63 -5.58
CA LEU A 88 -24.60 16.82 -6.10
C LEU A 88 -25.89 17.13 -5.35
N CYS A 89 -26.92 17.48 -6.10
CA CYS A 89 -28.28 17.50 -5.59
C CYS A 89 -28.84 16.09 -5.57
N VAL A 90 -29.57 15.74 -4.51
CA VAL A 90 -29.98 14.35 -4.28
C VAL A 90 -31.35 14.34 -3.63
N VAL A 91 -32.31 13.69 -4.29
CA VAL A 91 -33.71 13.69 -3.89
C VAL A 91 -34.25 12.29 -4.13
N ASN A 92 -35.08 11.80 -3.22
CA ASN A 92 -35.61 10.47 -3.38
C ASN A 92 -36.69 10.43 -4.47
N ARG A 93 -36.64 9.41 -5.30
CA ARG A 93 -37.74 9.18 -6.22
C ARG A 93 -39.03 9.11 -5.42
N GLY A 94 -39.94 10.06 -5.70
CA GLY A 94 -41.16 10.21 -4.93
C GLY A 94 -41.81 8.91 -4.50
N SER A 95 -42.13 8.80 -3.21
CA SER A 95 -42.81 7.61 -2.66
C SER A 95 -41.96 6.35 -2.80
N SER A 96 -40.65 6.52 -2.66
CA SER A 96 -39.76 5.36 -2.65
C SER A 96 -38.47 5.75 -1.92
N TYR A 97 -37.68 4.72 -1.59
CA TYR A 97 -36.41 4.92 -0.90
C TYR A 97 -35.28 5.21 -1.87
N LYS A 98 -35.42 4.79 -3.12
CA LYS A 98 -34.43 5.07 -4.14
C LYS A 98 -34.14 6.57 -4.18
N LEU A 99 -32.88 6.90 -4.42
CA LEU A 99 -32.43 8.27 -4.55
C LEU A 99 -32.09 8.57 -6.01
N ILE A 100 -32.39 9.79 -6.44
CA ILE A 100 -31.98 10.31 -7.73
C ILE A 100 -30.93 11.37 -7.48
N PHE A 101 -29.82 11.30 -8.21
CA PHE A 101 -28.74 12.27 -8.12
C PHE A 101 -28.79 13.20 -9.32
N GLY A 102 -28.75 14.49 -9.07
CA GLY A 102 -28.58 15.45 -10.15
C GLY A 102 -27.23 15.27 -10.83
N SER A 103 -27.00 16.06 -11.88
CA SER A 103 -25.78 15.91 -12.68
C SER A 103 -24.59 16.59 -12.05
N GLY A 104 -24.78 17.36 -11.00
CA GLY A 104 -23.62 17.92 -10.31
C GLY A 104 -23.26 19.29 -10.84
N THR A 105 -22.80 20.15 -9.91
CA THR A 105 -22.27 21.47 -10.23
C THR A 105 -20.84 21.55 -9.73
N ARG A 106 -19.91 21.82 -10.66
CA ARG A 106 -18.51 21.98 -10.32
C ARG A 106 -18.28 23.36 -9.73
N LEU A 107 -17.70 23.41 -8.53
CA LEU A 107 -17.28 24.65 -7.88
C LEU A 107 -15.76 24.64 -7.76
N LEU A 108 -15.12 25.71 -8.24
CA LEU A 108 -13.70 25.95 -8.04
C LEU A 108 -13.55 27.31 -7.39
N VAL A 109 -12.88 27.33 -6.24
CA VAL A 109 -12.63 28.55 -5.49
C VAL A 109 -11.18 28.92 -5.71
N ARG A 110 -10.94 30.13 -6.18
CA ARG A 110 -9.55 30.52 -6.43
C ARG A 110 -8.92 31.07 -5.15
N PRO A 111 -7.68 30.69 -4.84
CA PRO A 111 -7.05 31.17 -3.62
C PRO A 111 -6.83 32.68 -3.62
N ASP A 112 -6.96 33.27 -2.44
CA ASP A 112 -6.63 34.67 -2.26
C ASP A 112 -5.11 34.77 -2.13
N ILE A 113 -4.45 35.26 -3.17
CA ILE A 113 -3.01 35.46 -3.16
C ILE A 113 -2.76 36.94 -2.94
N GLN A 114 -2.20 37.29 -1.78
CA GLN A 114 -2.02 38.69 -1.43
C GLN A 114 -0.59 39.19 -1.67
N ASN A 115 0.38 38.27 -1.74
CA ASN A 115 1.79 38.64 -1.84
C ASN A 115 2.42 38.00 -3.07
N PRO A 116 1.87 38.26 -4.26
CA PRO A 116 2.35 37.58 -5.46
C PRO A 116 3.79 37.98 -5.76
N ASP A 117 4.52 37.05 -6.35
CA ASP A 117 5.94 37.26 -6.63
C ASP A 117 6.29 36.49 -7.89
N PRO A 118 5.59 36.75 -8.99
CA PRO A 118 5.63 35.84 -10.14
C PRO A 118 7.05 35.62 -10.61
N ALA A 119 7.40 34.37 -10.83
CA ALA A 119 8.75 34.04 -11.24
C ALA A 119 8.71 32.76 -12.05
N VAL A 120 9.69 32.61 -12.95
CA VAL A 120 9.86 31.40 -13.74
C VAL A 120 11.24 30.82 -13.44
N TYR A 121 11.28 29.58 -12.98
CA TYR A 121 12.52 28.97 -12.57
C TYR A 121 12.77 27.70 -13.36
N GLN A 122 14.04 27.37 -13.55
CA GLN A 122 14.42 26.11 -14.17
C GLN A 122 14.94 25.17 -13.09
N LEU A 123 14.61 23.89 -13.20
CA LEU A 123 14.92 22.91 -12.15
C LEU A 123 15.56 21.69 -12.78
N ARG A 124 16.73 21.31 -12.28
CA ARG A 124 17.48 20.19 -12.84
C ARG A 124 17.07 18.88 -12.17
N ASP A 125 16.99 17.82 -12.97
CA ASP A 125 16.75 16.48 -12.48
C ASP A 125 17.76 16.10 -11.40
N SER A 126 17.29 15.38 -10.37
CA SER A 126 18.17 14.96 -9.29
C SER A 126 19.10 13.83 -9.73
N LYS A 127 18.63 12.95 -10.60
CA LYS A 127 19.48 11.98 -11.26
C LYS A 127 20.23 12.70 -12.38
N SER A 128 21.51 12.42 -12.54
CA SER A 128 22.27 13.18 -13.52
C SER A 128 21.87 12.68 -14.91
N SER A 129 21.04 13.46 -15.59
CA SER A 129 20.64 13.21 -16.97
C SER A 129 20.61 14.49 -17.79
N ASP A 130 20.95 15.63 -17.20
CA ASP A 130 20.86 16.96 -17.83
C ASP A 130 19.47 17.20 -18.40
N LYS A 131 18.46 16.71 -17.71
CA LYS A 131 17.07 16.98 -18.01
C LYS A 131 16.55 18.02 -17.03
N SER A 132 15.60 18.83 -17.49
CA SER A 132 15.09 19.94 -16.68
C SER A 132 13.58 20.06 -16.85
N VAL A 133 12.95 20.79 -15.93
CA VAL A 133 11.58 21.26 -16.07
C VAL A 133 11.57 22.74 -15.72
N CYS A 134 10.45 23.40 -16.03
CA CYS A 134 10.25 24.82 -15.76
C CYS A 134 9.09 25.01 -14.78
N LEU A 135 9.27 25.94 -13.85
CA LEU A 135 8.28 26.24 -12.82
C LEU A 135 7.95 27.72 -12.91
N PHE A 136 6.69 28.02 -13.16
CA PHE A 136 6.13 29.37 -13.09
C PHE A 136 5.28 29.42 -11.85
N THR A 137 5.62 30.30 -10.91
CA THR A 137 5.10 30.15 -9.58
C THR A 137 4.90 31.52 -8.95
N ASP A 138 4.12 31.54 -7.86
CA ASP A 138 3.93 32.71 -7.03
C ASP A 138 3.16 33.82 -7.72
N PHE A 139 2.41 33.50 -8.77
CA PHE A 139 1.54 34.48 -9.39
C PHE A 139 0.18 34.49 -8.69
N ASP A 140 -0.60 35.56 -8.93
CA ASP A 140 -1.89 35.70 -8.27
C ASP A 140 -2.99 34.99 -9.06
N SER A 141 -4.17 34.91 -8.45
CA SER A 141 -5.22 34.07 -9.02
C SER A 141 -5.93 34.73 -10.17
N GLN A 142 -5.55 35.95 -10.53
CA GLN A 142 -6.05 36.58 -11.74
C GLN A 142 -5.19 36.23 -12.95
N THR A 143 -4.03 35.63 -12.74
CA THR A 143 -3.25 35.02 -13.82
C THR A 143 -3.86 33.68 -14.19
N ASN A 144 -4.04 33.47 -15.49
CA ASN A 144 -4.47 32.19 -16.05
C ASN A 144 -3.30 31.56 -16.81
N VAL A 145 -3.35 30.25 -16.96
CA VAL A 145 -2.30 29.50 -17.62
C VAL A 145 -2.96 28.72 -18.74
N SER A 146 -2.45 28.91 -19.95
CA SER A 146 -3.04 28.29 -21.12
C SER A 146 -2.24 27.06 -21.49
N GLN A 147 -2.93 26.07 -22.06
CA GLN A 147 -2.24 24.91 -22.60
C GLN A 147 -1.23 25.34 -23.64
N SER A 148 -0.20 24.53 -23.78
CA SER A 148 0.83 24.83 -24.77
C SER A 148 0.22 24.88 -26.16
N LYS A 149 0.69 25.81 -26.97
CA LYS A 149 0.32 25.86 -28.37
C LYS A 149 1.33 25.17 -29.27
N ASP A 150 2.30 24.46 -28.68
CA ASP A 150 3.39 23.83 -29.42
C ASP A 150 3.44 22.35 -29.11
N SER A 151 3.43 21.54 -30.16
CA SER A 151 3.62 20.12 -29.95
C SER A 151 5.01 19.87 -29.38
N ASP A 152 5.09 18.84 -28.53
CA ASP A 152 6.28 18.47 -27.78
C ASP A 152 6.59 19.46 -26.67
N VAL A 153 5.73 20.45 -26.44
CA VAL A 153 5.81 21.30 -25.25
C VAL A 153 4.63 20.98 -24.35
N TYR A 154 4.87 20.93 -23.04
CA TYR A 154 3.86 20.51 -22.08
C TYR A 154 3.77 21.55 -20.98
N ILE A 155 2.55 22.01 -20.70
CA ILE A 155 2.29 23.00 -19.68
C ILE A 155 1.13 22.48 -18.85
N THR A 156 1.36 22.25 -17.56
CA THR A 156 0.27 21.87 -16.69
C THR A 156 -0.62 23.07 -16.40
N ASP A 157 -1.88 22.79 -16.04
CA ASP A 157 -2.72 23.84 -15.49
C ASP A 157 -2.09 24.37 -14.20
N LYS A 158 -2.62 25.49 -13.72
CA LYS A 158 -2.14 26.00 -12.46
C LYS A 158 -2.61 25.10 -11.33
N CYS A 159 -1.90 25.15 -10.22
CA CYS A 159 -2.16 24.25 -9.10
C CYS A 159 -1.74 24.97 -7.83
N VAL A 160 -2.60 24.97 -6.81
CA VAL A 160 -2.41 25.74 -5.57
C VAL A 160 -1.90 24.81 -4.48
N LEU A 161 -0.74 25.13 -3.92
CA LEU A 161 -0.21 24.42 -2.79
C LEU A 161 -0.39 25.27 -1.53
N ASP A 162 -0.42 24.60 -0.38
CA ASP A 162 -0.86 25.22 0.87
C ASP A 162 0.14 24.80 1.94
N MET A 163 1.11 25.68 2.23
CA MET A 163 2.04 25.45 3.34
C MET A 163 1.30 25.79 4.62
N ARG A 164 0.47 24.82 5.07
CA ARG A 164 -0.57 25.11 6.04
C ARG A 164 0.00 25.64 7.34
N SER A 165 1.07 25.00 7.83
CA SER A 165 1.70 25.37 9.08
C SER A 165 1.83 26.88 9.21
N MET A 166 1.69 27.61 8.13
CA MET A 166 2.00 29.01 8.27
C MET A 166 0.94 29.91 7.60
N ASP A 167 -0.01 29.31 6.87
CA ASP A 167 -1.05 30.08 6.18
C ASP A 167 -0.47 30.82 4.98
N PHE A 168 0.31 30.09 4.18
CA PHE A 168 0.86 30.60 2.91
C PHE A 168 0.45 29.67 1.78
N LYS A 169 -0.29 30.22 0.85
CA LYS A 169 -0.61 29.50 -0.37
C LYS A 169 0.26 30.05 -1.49
N SER A 170 0.47 29.23 -2.53
CA SER A 170 1.08 29.79 -3.72
C SER A 170 0.69 28.96 -4.94
N ASN A 171 0.45 29.66 -6.05
CA ASN A 171 0.13 29.05 -7.33
C ASN A 171 1.40 28.62 -8.06
N SER A 172 1.27 27.56 -8.87
CA SER A 172 2.33 27.25 -9.80
C SER A 172 1.79 26.42 -10.96
N ALA A 173 2.54 26.45 -12.07
CA ALA A 173 2.33 25.56 -13.20
C ALA A 173 3.68 25.03 -13.67
N VAL A 174 3.68 23.82 -14.21
CA VAL A 174 4.90 23.12 -14.64
C VAL A 174 4.92 23.06 -16.16
N ALA A 175 6.13 23.20 -16.73
CA ALA A 175 6.34 23.04 -18.16
C ALA A 175 7.67 22.34 -18.43
N TRP A 176 7.71 21.58 -19.52
CA TRP A 176 8.90 20.82 -19.90
C TRP A 176 8.78 20.47 -21.37
N SER A 177 9.90 20.05 -21.95
CA SER A 177 9.99 19.68 -23.36
C SER A 177 11.30 18.94 -23.60
N ASN A 178 11.29 17.97 -24.50
CA ASN A 178 12.51 17.33 -24.98
C ASN A 178 13.14 18.06 -26.17
N LYS A 179 12.52 19.10 -26.71
CA LYS A 179 13.09 19.81 -27.85
C LYS A 179 14.44 20.43 -27.44
N SER A 180 15.47 20.23 -28.27
CA SER A 180 16.84 20.42 -27.80
C SER A 180 17.13 21.86 -27.40
N ASP A 181 16.50 22.85 -28.02
CA ASP A 181 16.73 24.24 -27.66
C ASP A 181 15.70 24.77 -26.67
N PHE A 182 14.91 23.90 -26.04
CA PHE A 182 13.83 24.40 -25.21
C PHE A 182 14.37 25.27 -24.08
N ALA A 183 13.78 26.45 -23.92
CA ALA A 183 14.04 27.32 -22.77
C ALA A 183 12.71 27.70 -22.14
N CYS A 184 12.73 27.97 -20.83
CA CYS A 184 11.48 28.17 -20.09
C CYS A 184 10.62 29.27 -20.71
N ALA A 185 11.22 30.37 -21.17
CA ALA A 185 10.46 31.43 -21.82
C ALA A 185 9.65 30.94 -23.01
N ASN A 186 10.01 29.79 -23.61
CA ASN A 186 9.30 29.30 -24.78
C ASN A 186 7.92 28.77 -24.43
N ALA A 187 7.72 28.31 -23.19
CA ALA A 187 6.40 27.89 -22.74
C ALA A 187 5.69 29.01 -21.99
N PHE A 188 6.38 29.58 -21.00
CA PHE A 188 5.84 30.73 -20.27
C PHE A 188 6.27 32.00 -21.00
N ASN A 189 5.69 32.20 -22.19
CA ASN A 189 5.82 33.47 -22.90
C ASN A 189 5.00 34.52 -22.15
N ASN A 190 4.59 35.60 -22.80
CA ASN A 190 4.23 36.77 -21.98
C ASN A 190 2.88 36.56 -21.30
N SER A 191 2.98 36.52 -19.98
CA SER A 191 2.00 36.22 -18.94
C SER A 191 2.65 36.81 -17.71
N ILE A 192 2.24 38.02 -17.31
CA ILE A 192 2.55 38.62 -16.01
C ILE A 192 3.95 39.25 -16.07
N ILE A 193 4.45 39.77 -14.95
CA ILE A 193 5.74 40.45 -14.90
C ILE A 193 6.78 39.63 -14.12
N PRO A 194 6.97 38.34 -14.42
CA PRO A 194 7.78 37.52 -13.51
C PRO A 194 9.26 37.84 -13.57
N GLU A 195 9.91 37.65 -12.43
CA GLU A 195 11.36 37.57 -12.39
C GLU A 195 11.79 36.36 -13.21
N ASP A 196 12.54 36.61 -14.27
CA ASP A 196 13.18 35.57 -15.08
C ASP A 196 14.66 35.66 -14.74
N THR A 197 15.11 34.77 -13.88
CA THR A 197 16.53 34.67 -13.53
C THR A 197 17.45 34.57 -14.75
N GLY B 1 -16.49 1.91 6.51
CA GLY B 1 -17.40 2.41 5.51
C GLY B 1 -17.72 1.31 4.52
N VAL B 2 -18.42 1.64 3.44
CA VAL B 2 -18.60 0.69 2.35
C VAL B 2 -17.25 0.38 1.72
N ALA B 3 -17.01 -0.90 1.45
CA ALA B 3 -15.77 -1.33 0.81
C ALA B 3 -16.02 -1.78 -0.63
N GLN B 4 -15.09 -1.45 -1.51
CA GLN B 4 -15.14 -1.87 -2.91
C GLN B 4 -13.77 -2.34 -3.34
N SER B 5 -13.75 -3.31 -4.25
CA SER B 5 -12.50 -3.80 -4.83
C SER B 5 -12.82 -4.04 -6.30
N PRO B 6 -11.89 -3.74 -7.21
CA PRO B 6 -10.64 -3.05 -6.86
C PRO B 6 -10.85 -1.53 -6.80
N ARG B 7 -9.77 -0.75 -6.78
CA ARG B 7 -9.86 0.69 -6.87
C ARG B 7 -9.76 1.18 -8.31
N TYR B 8 -8.98 0.50 -9.12
CA TYR B 8 -8.78 0.77 -10.54
C TYR B 8 -8.71 -0.57 -11.25
N LYS B 9 -9.22 -0.60 -12.49
CA LYS B 9 -9.11 -1.82 -13.31
C LYS B 9 -8.99 -1.42 -14.78
N ILE B 10 -8.00 -1.97 -15.47
CA ILE B 10 -7.89 -1.84 -16.91
C ILE B 10 -8.24 -3.19 -17.51
N ILE B 11 -9.08 -3.16 -18.54
CA ILE B 11 -9.47 -4.37 -19.25
C ILE B 11 -9.45 -4.04 -20.73
N GLU B 12 -9.26 -5.08 -21.54
CA GLU B 12 -9.43 -4.94 -22.97
C GLU B 12 -10.92 -4.98 -23.31
N LYS B 13 -11.32 -4.23 -24.33
CA LYS B 13 -12.68 -4.39 -24.84
C LYS B 13 -12.91 -5.86 -25.18
N ARG B 14 -14.13 -6.33 -24.97
CA ARG B 14 -14.61 -7.70 -25.17
C ARG B 14 -14.37 -8.57 -23.95
N GLN B 15 -13.39 -8.22 -23.11
CA GLN B 15 -13.18 -8.98 -21.90
C GLN B 15 -14.31 -8.71 -20.91
N SER B 16 -14.31 -9.46 -19.81
CA SER B 16 -15.27 -9.25 -18.74
C SER B 16 -14.58 -8.68 -17.51
N VAL B 17 -15.38 -8.05 -16.63
CA VAL B 17 -14.92 -7.50 -15.37
C VAL B 17 -15.83 -7.99 -14.26
N ALA B 18 -15.33 -7.91 -13.05
CA ALA B 18 -16.16 -8.01 -11.85
C ALA B 18 -15.81 -6.85 -10.92
N PHE B 19 -16.82 -6.38 -10.20
CA PHE B 19 -16.66 -5.36 -9.17
C PHE B 19 -17.29 -5.90 -7.90
N TRP B 20 -16.55 -5.86 -6.80
CA TRP B 20 -17.03 -6.39 -5.53
C TRP B 20 -17.37 -5.23 -4.61
N CYS B 21 -18.44 -5.40 -3.84
CA CYS B 21 -18.83 -4.38 -2.89
C CYS B 21 -19.32 -5.03 -1.62
N ASN B 22 -19.03 -4.38 -0.51
CA ASN B 22 -19.42 -4.85 0.83
C ASN B 22 -20.10 -3.72 1.58
N PRO B 23 -21.40 -3.82 1.83
CA PRO B 23 -22.13 -2.74 2.49
C PRO B 23 -21.64 -2.56 3.92
N ILE B 24 -22.09 -1.46 4.53
CA ILE B 24 -21.95 -1.36 5.98
C ILE B 24 -22.71 -2.53 6.61
N SER B 25 -22.13 -3.11 7.66
CA SER B 25 -22.70 -4.32 8.25
C SER B 25 -24.17 -4.13 8.59
N GLY B 26 -25.00 -5.09 8.18
CA GLY B 26 -26.41 -5.04 8.46
C GLY B 26 -27.25 -4.20 7.51
N HIS B 27 -26.64 -3.43 6.60
CA HIS B 27 -27.44 -2.63 5.68
C HIS B 27 -28.18 -3.54 4.73
N ALA B 28 -29.50 -3.36 4.67
CA ALA B 28 -30.35 -4.25 3.90
C ALA B 28 -30.42 -3.87 2.43
N THR B 29 -30.11 -2.62 2.09
CA THR B 29 -30.19 -2.15 0.70
C THR B 29 -28.82 -1.88 0.14
N LEU B 30 -28.59 -2.31 -1.10
CA LEU B 30 -27.33 -2.11 -1.79
C LEU B 30 -27.57 -1.67 -3.22
N TYR B 31 -26.81 -0.67 -3.65
CA TYR B 31 -26.96 0.01 -4.92
C TYR B 31 -25.65 -0.06 -5.70
N TRP B 32 -25.75 -0.32 -6.99
CA TRP B 32 -24.65 -0.08 -7.92
C TRP B 32 -25.00 1.09 -8.81
N TYR B 33 -24.01 1.95 -9.06
CA TYR B 33 -24.18 3.09 -9.95
C TYR B 33 -23.03 3.13 -10.94
N GLN B 34 -23.33 3.63 -12.13
CA GLN B 34 -22.34 4.05 -13.09
C GLN B 34 -22.30 5.57 -13.09
N GLN B 35 -21.09 6.12 -13.14
CA GLN B 35 -20.87 7.57 -13.22
C GLN B 35 -19.81 7.83 -14.28
N ILE B 36 -20.20 8.44 -15.40
CA ILE B 36 -19.22 8.80 -16.40
C ILE B 36 -18.81 10.25 -16.17
N LEU B 37 -17.57 10.57 -16.52
CA LEU B 37 -17.01 11.91 -16.33
C LEU B 37 -17.93 12.97 -16.89
N GLY B 38 -18.44 13.83 -16.01
CA GLY B 38 -19.31 14.93 -16.38
C GLY B 38 -20.72 14.83 -15.86
N GLN B 39 -21.16 13.64 -15.46
CA GLN B 39 -22.54 13.40 -15.03
C GLN B 39 -22.59 12.89 -13.59
N GLY B 40 -23.81 12.65 -13.11
CA GLY B 40 -24.02 12.14 -11.78
C GLY B 40 -23.98 10.62 -11.77
N PRO B 41 -24.05 10.05 -10.57
CA PRO B 41 -24.33 8.60 -10.49
C PRO B 41 -25.68 8.31 -11.12
N LYS B 42 -25.75 7.21 -11.86
CA LYS B 42 -26.97 6.68 -12.44
C LYS B 42 -27.15 5.24 -11.98
N LEU B 43 -28.36 4.90 -11.56
CA LEU B 43 -28.59 3.61 -10.96
C LEU B 43 -28.54 2.50 -11.99
N LEU B 44 -27.99 1.35 -11.59
CA LEU B 44 -28.03 0.16 -12.44
C LEU B 44 -28.84 -0.98 -11.84
N ILE B 45 -28.85 -1.10 -10.51
CA ILE B 45 -29.57 -2.17 -9.84
C ILE B 45 -29.63 -1.87 -8.35
N GLN B 46 -30.77 -2.15 -7.75
CA GLN B 46 -30.93 -2.11 -6.32
C GLN B 46 -31.22 -3.52 -5.84
N PHE B 47 -30.57 -3.92 -4.75
CA PHE B 47 -30.95 -5.11 -4.00
C PHE B 47 -31.51 -4.67 -2.66
N GLN B 48 -32.60 -5.30 -2.23
CA GLN B 48 -33.10 -5.15 -0.86
C GLN B 48 -33.00 -6.51 -0.19
N ASN B 49 -31.99 -6.69 0.67
CA ASN B 49 -31.49 -8.01 1.10
C ASN B 49 -30.97 -8.70 -0.18
N ASN B 50 -31.24 -9.99 -0.38
CA ASN B 50 -30.76 -10.62 -1.60
C ASN B 50 -31.76 -10.51 -2.75
N GLY B 51 -32.81 -9.72 -2.59
CA GLY B 51 -33.82 -9.57 -3.62
C GLY B 51 -33.52 -8.40 -4.54
N VAL B 52 -33.56 -8.67 -5.84
CA VAL B 52 -33.42 -7.64 -6.87
C VAL B 52 -34.75 -6.89 -6.96
N VAL B 53 -34.75 -5.63 -6.52
CA VAL B 53 -35.99 -4.88 -6.48
C VAL B 53 -36.16 -4.05 -7.74
N ASP B 54 -35.07 -3.50 -8.28
CA ASP B 54 -35.17 -2.63 -9.44
C ASP B 54 -33.90 -2.82 -10.26
N ASP B 55 -34.01 -3.54 -11.37
CA ASP B 55 -32.93 -3.67 -12.34
C ASP B 55 -33.36 -3.14 -13.70
N SER B 56 -34.42 -2.32 -13.73
CA SER B 56 -34.93 -1.81 -15.00
C SER B 56 -33.87 -1.01 -15.74
N GLN B 57 -33.03 -0.27 -15.00
CA GLN B 57 -31.97 0.50 -15.64
C GLN B 57 -30.73 -0.33 -15.95
N LEU B 58 -30.72 -1.62 -15.63
CA LEU B 58 -29.57 -2.47 -15.93
C LEU B 58 -29.45 -2.63 -17.44
N PRO B 59 -28.37 -2.10 -18.06
CA PRO B 59 -28.32 -1.95 -19.52
C PRO B 59 -28.94 -3.06 -20.35
N LYS B 60 -28.16 -4.06 -20.74
CA LYS B 60 -28.70 -5.04 -21.67
C LYS B 60 -28.29 -6.45 -21.29
N ASP B 61 -27.66 -7.15 -22.23
CA ASP B 61 -27.16 -8.49 -22.03
C ASP B 61 -25.66 -8.50 -21.75
N ARG B 62 -25.18 -7.45 -21.11
CA ARG B 62 -23.79 -7.33 -20.73
C ARG B 62 -23.57 -7.06 -19.25
N PHE B 63 -24.58 -6.57 -18.54
CA PHE B 63 -24.46 -6.25 -17.13
C PHE B 63 -25.29 -7.24 -16.32
N SER B 64 -24.65 -7.88 -15.34
CA SER B 64 -25.33 -8.70 -14.35
C SER B 64 -24.79 -8.33 -12.98
N ALA B 65 -25.53 -8.71 -11.94
CA ALA B 65 -25.09 -8.50 -10.57
C ALA B 65 -25.74 -9.54 -9.68
N GLU B 66 -25.08 -9.82 -8.56
CA GLU B 66 -25.56 -10.78 -7.58
C GLU B 66 -25.36 -10.22 -6.18
N ARG B 67 -26.31 -10.50 -5.30
CA ARG B 67 -26.17 -10.30 -3.87
C ARG B 67 -26.74 -11.54 -3.19
N LEU B 68 -26.14 -12.69 -3.53
CA LEU B 68 -26.77 -13.99 -3.30
C LEU B 68 -27.10 -14.22 -1.84
N LYS B 69 -26.29 -13.69 -0.93
CA LYS B 69 -26.50 -13.90 0.49
C LYS B 69 -26.95 -12.65 1.22
N GLY B 70 -27.30 -11.57 0.51
CA GLY B 70 -27.79 -10.39 1.20
C GLY B 70 -26.74 -9.60 1.95
N VAL B 71 -25.47 -9.95 1.79
CA VAL B 71 -24.36 -9.22 2.41
C VAL B 71 -23.62 -8.53 1.28
N ASP B 72 -22.46 -9.07 0.88
CA ASP B 72 -21.72 -8.42 -0.18
C ASP B 72 -22.33 -8.74 -1.55
N SER B 73 -21.87 -8.03 -2.58
CA SER B 73 -22.49 -8.13 -3.90
C SER B 73 -21.43 -7.97 -4.98
N THR B 74 -21.67 -8.61 -6.13
CA THR B 74 -20.75 -8.62 -7.26
C THR B 74 -21.48 -8.12 -8.51
N LEU B 75 -20.95 -7.06 -9.14
CA LEU B 75 -21.41 -6.58 -10.42
C LEU B 75 -20.46 -7.06 -11.51
N LYS B 76 -21.00 -7.44 -12.66
CA LYS B 76 -20.21 -7.95 -13.77
C LYS B 76 -20.61 -7.28 -15.07
N ILE B 77 -19.60 -6.99 -15.90
CA ILE B 77 -19.78 -6.51 -17.26
C ILE B 77 -19.16 -7.56 -18.18
N GLN B 78 -19.96 -8.12 -19.12
CA GLN B 78 -19.45 -9.16 -20.00
C GLN B 78 -20.29 -9.31 -21.26
N PRO B 79 -19.75 -9.02 -22.45
CA PRO B 79 -18.43 -8.41 -22.63
C PRO B 79 -18.50 -6.89 -22.55
N ALA B 80 -17.34 -6.25 -22.42
CA ALA B 80 -17.26 -4.83 -22.10
C ALA B 80 -16.95 -3.99 -23.34
N LYS B 81 -17.46 -2.78 -23.33
CA LYS B 81 -17.23 -1.82 -24.40
C LYS B 81 -16.48 -0.61 -23.87
N LEU B 82 -15.76 0.05 -24.78
CA LEU B 82 -15.08 1.30 -24.47
C LEU B 82 -16.02 2.30 -23.83
N GLU B 83 -17.29 2.31 -24.22
CA GLU B 83 -18.23 3.21 -23.59
C GLU B 83 -18.50 2.86 -22.12
N ASP B 84 -18.00 1.73 -21.63
CA ASP B 84 -18.17 1.38 -20.23
C ASP B 84 -17.17 2.08 -19.32
N SER B 85 -16.16 2.74 -19.87
CA SER B 85 -15.19 3.46 -19.03
C SER B 85 -15.95 4.48 -18.18
N ALA B 86 -15.76 4.38 -16.87
CA ALA B 86 -16.56 5.11 -15.90
C ALA B 86 -16.07 4.69 -14.53
N VAL B 87 -16.58 5.35 -13.51
CA VAL B 87 -16.39 4.92 -12.13
C VAL B 87 -17.66 4.19 -11.72
N TYR B 88 -17.50 3.04 -11.11
CA TYR B 88 -18.63 2.24 -10.66
C TYR B 88 -18.74 2.36 -9.15
N LEU B 89 -19.84 2.91 -8.68
CA LEU B 89 -20.02 3.23 -7.28
C LEU B 89 -20.94 2.20 -6.65
N CYS B 90 -20.61 1.81 -5.43
CA CYS B 90 -21.49 1.01 -4.59
C CYS B 90 -21.92 1.85 -3.40
N ALA B 91 -23.18 1.73 -3.02
CA ALA B 91 -23.71 2.43 -1.88
C ALA B 91 -24.69 1.51 -1.16
N SER B 92 -24.78 1.70 0.16
CA SER B 92 -25.66 0.89 0.99
C SER B 92 -26.46 1.80 1.89
N SER B 93 -27.58 1.27 2.38
CA SER B 93 -28.52 2.11 3.12
C SER B 93 -29.46 1.22 3.92
N GLN B 94 -29.96 1.80 5.00
CA GLN B 94 -31.10 1.29 5.74
C GLN B 94 -32.40 1.93 5.32
N THR B 95 -32.38 3.25 5.12
CA THR B 95 -33.56 4.04 4.79
C THR B 95 -33.30 4.89 3.54
N TYR B 96 -33.17 6.19 3.75
CA TYR B 96 -32.97 7.10 2.64
C TYR B 96 -31.49 7.37 2.38
N GLU B 97 -30.79 7.83 3.43
CA GLU B 97 -29.41 8.24 3.31
C GLU B 97 -28.55 7.07 2.83
N GLN B 98 -27.80 7.32 1.76
CA GLN B 98 -26.88 6.33 1.24
C GLN B 98 -25.44 6.66 1.61
N TYR B 99 -24.66 5.61 1.86
CA TYR B 99 -23.24 5.68 2.15
C TYR B 99 -22.47 4.98 1.04
N PHE B 100 -21.51 5.68 0.45
CA PHE B 100 -20.80 5.21 -0.74
C PHE B 100 -19.48 4.54 -0.39
N GLY B 101 -19.13 3.53 -1.17
CA GLY B 101 -17.78 3.05 -1.20
C GLY B 101 -16.92 3.98 -2.01
N PRO B 102 -15.62 3.69 -2.03
CA PRO B 102 -14.69 4.61 -2.72
C PRO B 102 -14.73 4.47 -4.24
N GLY B 103 -15.37 3.45 -4.79
CA GLY B 103 -15.51 3.37 -6.23
C GLY B 103 -14.42 2.53 -6.89
N THR B 104 -14.75 2.04 -8.10
CA THR B 104 -13.79 1.36 -8.96
C THR B 104 -13.74 2.16 -10.26
N ARG B 105 -12.61 2.76 -10.53
CA ARG B 105 -12.43 3.46 -11.79
C ARG B 105 -12.13 2.42 -12.88
N LEU B 106 -12.97 2.37 -13.92
CA LEU B 106 -12.81 1.46 -15.04
C LEU B 106 -12.35 2.22 -16.27
N THR B 107 -11.34 1.69 -16.96
CA THR B 107 -10.96 2.15 -18.30
C THR B 107 -10.97 0.91 -19.19
N VAL B 108 -11.78 0.94 -20.25
CA VAL B 108 -11.77 -0.12 -21.24
C VAL B 108 -10.99 0.40 -22.43
N THR B 109 -10.08 -0.41 -22.94
CA THR B 109 -9.16 0.05 -23.96
C THR B 109 -9.17 -0.93 -25.12
N GLU B 110 -8.81 -0.43 -26.30
CA GLU B 110 -8.82 -1.24 -27.51
C GLU B 110 -7.94 -2.48 -27.34
N ASP B 111 -6.73 -2.28 -26.80
CA ASP B 111 -5.67 -3.28 -26.84
C ASP B 111 -4.77 -3.08 -25.64
N LEU B 112 -4.61 -4.13 -24.83
CA LEU B 112 -3.78 -4.04 -23.62
C LEU B 112 -2.31 -3.73 -23.94
N LYS B 113 -1.88 -3.88 -25.19
CA LYS B 113 -0.56 -3.40 -25.58
C LYS B 113 -0.44 -1.88 -25.45
N ASN B 114 -1.54 -1.15 -25.28
CA ASN B 114 -1.47 0.28 -25.05
C ASN B 114 -1.04 0.65 -23.62
N VAL B 115 -0.91 -0.34 -22.73
CA VAL B 115 -0.70 -0.10 -21.29
C VAL B 115 0.79 0.13 -21.03
N PHE B 116 1.12 1.22 -20.31
CA PHE B 116 2.51 1.51 -19.98
C PHE B 116 2.62 2.02 -18.54
N PRO B 117 3.64 1.57 -17.81
CA PRO B 117 3.90 2.13 -16.50
C PRO B 117 4.48 3.53 -16.63
N PRO B 118 4.33 4.38 -15.62
CA PRO B 118 4.96 5.71 -15.65
C PRO B 118 6.47 5.62 -15.47
N GLU B 119 7.14 6.70 -15.88
CA GLU B 119 8.52 6.94 -15.48
C GLU B 119 8.50 8.16 -14.56
N VAL B 120 9.32 8.13 -13.51
CA VAL B 120 9.20 9.14 -12.46
C VAL B 120 10.55 9.81 -12.27
N ALA B 121 10.55 11.13 -12.28
CA ALA B 121 11.75 11.90 -12.03
C ALA B 121 11.42 13.02 -11.06
N VAL B 122 12.39 13.31 -10.20
CA VAL B 122 12.30 14.42 -9.25
C VAL B 122 13.29 15.49 -9.69
N PHE B 123 12.83 16.72 -9.76
CA PHE B 123 13.66 17.84 -10.18
C PHE B 123 13.90 18.73 -8.97
N GLU B 124 15.17 19.06 -8.74
CA GLU B 124 15.61 19.72 -7.53
C GLU B 124 15.28 21.21 -7.55
N PRO B 125 15.11 21.82 -6.37
CA PRO B 125 14.74 23.24 -6.33
C PRO B 125 15.80 24.13 -6.93
N SER B 126 15.34 25.20 -7.60
CA SER B 126 16.24 26.15 -8.22
C SER B 126 16.95 26.99 -7.18
N GLU B 127 18.26 27.17 -7.40
CA GLU B 127 19.04 28.08 -6.58
C GLU B 127 18.47 29.50 -6.63
N ALA B 128 17.92 29.92 -7.77
CA ALA B 128 17.38 31.27 -7.87
C ALA B 128 16.10 31.44 -7.05
N GLU B 129 15.27 30.39 -6.96
CA GLU B 129 14.10 30.49 -6.09
C GLU B 129 14.52 30.60 -4.64
N ILE B 130 15.55 29.84 -4.25
CA ILE B 130 16.00 29.85 -2.86
C ILE B 130 16.40 31.26 -2.44
N SER B 131 17.28 31.92 -3.22
CA SER B 131 17.71 33.27 -2.85
C SER B 131 16.60 34.31 -3.05
N HIS B 132 15.72 34.13 -4.03
CA HIS B 132 14.67 35.11 -4.25
C HIS B 132 13.55 35.03 -3.21
N THR B 133 13.20 33.83 -2.73
CA THR B 133 12.01 33.66 -1.89
C THR B 133 12.27 33.06 -0.52
N GLN B 134 13.47 32.52 -0.27
CA GLN B 134 13.75 31.69 0.91
C GLN B 134 12.88 30.43 0.95
N LYS B 135 12.52 29.89 -0.21
CA LYS B 135 11.77 28.62 -0.28
C LYS B 135 12.36 27.72 -1.38
N ALA B 136 11.95 26.45 -1.35
CA ALA B 136 12.47 25.42 -2.25
C ALA B 136 11.33 24.55 -2.73
N THR B 137 10.96 24.68 -4.01
CA THR B 137 9.93 23.85 -4.64
C THR B 137 10.57 22.71 -5.41
N LEU B 138 10.35 21.48 -4.96
CA LEU B 138 10.72 20.32 -5.75
C LEU B 138 9.53 19.95 -6.64
N VAL B 139 9.83 19.36 -7.80
CA VAL B 139 8.81 19.00 -8.79
C VAL B 139 8.98 17.53 -9.16
N CYS B 140 7.86 16.81 -9.20
CA CYS B 140 7.84 15.41 -9.60
C CYS B 140 7.11 15.25 -10.92
N LEU B 141 7.69 14.46 -11.83
CA LEU B 141 7.15 14.24 -13.16
C LEU B 141 6.95 12.75 -13.36
N ALA B 142 5.70 12.35 -13.56
CA ALA B 142 5.35 11.01 -14.01
C ALA B 142 4.91 11.14 -15.46
N THR B 143 5.57 10.39 -16.34
CA THR B 143 5.33 10.55 -17.77
C THR B 143 5.18 9.17 -18.39
N GLY B 144 4.56 9.15 -19.57
CA GLY B 144 4.44 7.94 -20.35
C GLY B 144 3.44 6.91 -19.88
N PHE B 145 2.63 7.18 -18.85
CA PHE B 145 1.77 6.11 -18.34
C PHE B 145 0.44 6.05 -19.08
N TYR B 146 -0.13 4.82 -19.16
CA TYR B 146 -1.48 4.57 -19.61
C TYR B 146 -1.95 3.25 -19.01
N PRO B 147 -3.19 3.16 -18.49
CA PRO B 147 -4.20 4.20 -18.41
C PRO B 147 -3.89 5.22 -17.34
N ASP B 148 -4.77 6.20 -17.21
CA ASP B 148 -4.63 7.26 -16.20
C ASP B 148 -5.05 6.72 -14.82
N HIS B 149 -4.39 5.67 -14.37
CA HIS B 149 -4.72 5.03 -13.09
C HIS B 149 -3.49 5.07 -12.20
N VAL B 150 -3.22 6.24 -11.62
CA VAL B 150 -2.06 6.43 -10.77
C VAL B 150 -2.46 7.16 -9.49
N GLU B 151 -1.62 7.00 -8.47
CA GLU B 151 -1.69 7.74 -7.21
C GLU B 151 -0.28 8.24 -6.93
N LEU B 152 -0.10 9.55 -6.93
CA LEU B 152 1.20 10.17 -6.69
C LEU B 152 1.25 10.68 -5.25
N SER B 153 2.34 10.38 -4.54
CA SER B 153 2.49 10.81 -3.16
C SER B 153 3.93 11.24 -2.89
N TRP B 154 4.09 12.15 -1.94
CA TRP B 154 5.39 12.69 -1.55
C TRP B 154 5.76 12.16 -0.18
N TRP B 155 7.04 11.83 -0.02
CA TRP B 155 7.52 11.23 1.21
C TRP B 155 8.78 11.97 1.65
N VAL B 156 8.76 12.48 2.88
CA VAL B 156 9.89 13.21 3.46
C VAL B 156 10.36 12.47 4.69
N ASN B 157 11.62 12.03 4.67
CA ASN B 157 12.24 11.20 5.71
C ASN B 157 11.31 10.06 6.13
N GLY B 158 11.01 9.20 5.16
CA GLY B 158 10.26 7.99 5.41
C GLY B 158 8.79 8.23 5.67
N LYS B 159 8.31 9.42 5.35
CA LYS B 159 7.04 9.86 5.90
C LYS B 159 6.23 10.64 4.89
N GLU B 160 4.96 10.26 4.74
CA GLU B 160 4.11 10.85 3.72
C GLU B 160 3.59 12.21 4.18
N VAL B 161 3.65 13.20 3.28
CA VAL B 161 3.25 14.56 3.62
C VAL B 161 2.20 15.07 2.65
N HIS B 162 1.42 16.05 3.12
CA HIS B 162 0.36 16.70 2.34
C HIS B 162 0.50 18.22 2.35
N SER B 163 1.10 18.78 3.40
CA SER B 163 1.30 20.22 3.44
C SER B 163 2.36 20.62 2.43
N GLY B 164 2.13 21.74 1.75
CA GLY B 164 3.07 22.19 0.72
C GLY B 164 3.03 21.41 -0.58
N VAL B 165 2.05 20.53 -0.77
CA VAL B 165 1.92 19.73 -1.99
C VAL B 165 0.70 20.22 -2.75
N CYS B 166 0.80 20.18 -4.09
CA CYS B 166 -0.38 19.95 -4.91
C CYS B 166 0.04 19.28 -6.19
N THR B 167 -0.79 18.35 -6.62
CA THR B 167 -0.59 17.48 -7.76
C THR B 167 -1.68 17.83 -8.76
N ASP B 168 -1.34 17.83 -10.06
CA ASP B 168 -2.31 18.32 -11.03
C ASP B 168 -3.58 17.50 -10.86
N PRO B 169 -4.76 18.12 -10.87
CA PRO B 169 -6.01 17.33 -10.84
C PRO B 169 -6.19 16.45 -12.05
N GLN B 170 -5.62 16.82 -13.20
CA GLN B 170 -5.80 16.04 -14.42
C GLN B 170 -4.48 15.81 -15.10
N PRO B 171 -4.28 14.64 -15.70
CA PRO B 171 -3.07 14.41 -16.48
C PRO B 171 -3.15 15.13 -17.81
N LEU B 172 -2.00 15.25 -18.46
CA LEU B 172 -1.97 15.76 -19.82
C LEU B 172 -1.74 14.61 -20.78
N LYS B 173 -2.38 14.70 -21.93
CA LYS B 173 -2.14 13.74 -22.99
C LYS B 173 -0.84 14.11 -23.68
N GLU B 174 0.04 13.13 -23.84
CA GLU B 174 1.30 13.43 -24.51
C GLU B 174 1.12 13.53 -26.02
N GLN B 175 0.05 12.95 -26.56
CA GLN B 175 -0.39 13.16 -27.94
C GLN B 175 -1.89 13.38 -27.87
N PRO B 176 -2.33 14.62 -27.66
CA PRO B 176 -3.78 14.89 -27.62
C PRO B 176 -4.54 14.34 -28.81
N ALA B 177 -3.91 14.29 -30.00
CA ALA B 177 -4.59 13.84 -31.20
C ALA B 177 -5.10 12.42 -31.07
N LEU B 178 -4.38 11.56 -30.35
CA LEU B 178 -4.67 10.14 -30.34
C LEU B 178 -5.64 9.78 -29.22
N ASN B 179 -6.38 8.68 -29.43
CA ASN B 179 -7.35 8.23 -28.44
C ASN B 179 -6.68 7.38 -27.36
N ASP B 180 -5.59 6.69 -27.71
CA ASP B 180 -4.85 5.86 -26.76
C ASP B 180 -3.63 6.56 -26.21
N SER B 181 -3.65 7.89 -26.18
CA SER B 181 -2.46 8.64 -25.77
C SER B 181 -2.03 8.29 -24.36
N ARG B 182 -0.72 8.19 -24.16
CA ARG B 182 -0.17 8.09 -22.83
C ARG B 182 -0.22 9.46 -22.16
N TYR B 183 0.04 9.46 -20.85
CA TYR B 183 -0.27 10.59 -19.98
C TYR B 183 0.95 11.03 -19.19
N ALA B 184 0.95 12.30 -18.83
CA ALA B 184 1.95 12.84 -17.93
C ALA B 184 1.27 13.52 -16.76
N LEU B 185 1.97 13.57 -15.63
CA LEU B 185 1.43 14.14 -14.41
C LEU B 185 2.56 14.80 -13.64
N SER B 186 2.35 16.04 -13.22
CA SER B 186 3.34 16.75 -12.42
C SER B 186 2.79 17.05 -11.04
N SER B 187 3.70 17.11 -10.08
CA SER B 187 3.36 17.50 -8.72
C SER B 187 4.50 18.32 -8.17
N ARG B 188 4.20 19.19 -7.22
CA ARG B 188 5.23 19.97 -6.54
C ARG B 188 5.16 19.75 -5.05
N LEU B 189 6.32 19.77 -4.41
CA LEU B 189 6.41 19.87 -2.96
C LEU B 189 7.24 21.11 -2.65
N ARG B 190 6.73 21.97 -1.77
CA ARG B 190 7.44 23.17 -1.37
C ARG B 190 7.77 23.13 0.12
N VAL B 191 9.04 23.33 0.43
CA VAL B 191 9.55 23.39 1.79
C VAL B 191 10.36 24.67 1.93
N SER B 192 10.80 24.94 3.15
CA SER B 192 11.63 26.10 3.40
C SER B 192 13.02 25.90 2.79
N ALA B 193 13.69 27.02 2.49
CA ALA B 193 15.05 26.93 2.00
C ALA B 193 15.94 26.18 2.98
N THR B 194 15.80 26.46 4.29
CA THR B 194 16.63 25.77 5.28
C THR B 194 16.41 24.27 5.24
N PHE B 195 15.14 23.83 5.13
CA PHE B 195 14.86 22.40 5.08
C PHE B 195 15.49 21.75 3.85
N TRP B 196 15.40 22.40 2.69
CA TRP B 196 15.99 21.81 1.49
C TRP B 196 17.52 21.77 1.57
N GLN B 197 18.13 22.73 2.22
CA GLN B 197 19.58 22.79 2.28
C GLN B 197 20.18 21.84 3.31
N ASN B 198 19.36 21.18 4.12
CA ASN B 198 19.87 20.18 5.06
C ASN B 198 20.09 18.86 4.34
N PRO B 199 21.34 18.36 4.27
CA PRO B 199 21.62 17.16 3.46
C PRO B 199 21.17 15.84 4.08
N ARG B 200 20.65 15.85 5.30
CA ARG B 200 20.05 14.65 5.91
C ARG B 200 18.56 14.52 5.59
N ASN B 201 17.91 15.55 5.06
CA ASN B 201 16.52 15.42 4.68
C ASN B 201 16.39 14.65 3.36
N HIS B 202 15.49 13.67 3.34
CA HIS B 202 15.29 12.77 2.21
C HIS B 202 13.91 13.00 1.62
N PHE B 203 13.86 13.14 0.30
CA PHE B 203 12.63 13.45 -0.42
C PHE B 203 12.37 12.35 -1.43
N ARG B 204 11.15 11.84 -1.47
CA ARG B 204 10.82 10.81 -2.46
C ARG B 204 9.43 11.06 -3.03
N CYS B 205 9.33 10.98 -4.35
CA CYS B 205 8.05 11.03 -5.04
C CYS B 205 7.71 9.63 -5.49
N GLN B 206 6.54 9.16 -5.09
CA GLN B 206 6.11 7.78 -5.30
C GLN B 206 4.86 7.78 -6.16
N VAL B 207 4.87 7.00 -7.23
CA VAL B 207 3.70 6.87 -8.10
C VAL B 207 3.26 5.42 -8.11
N GLN B 208 2.07 5.17 -7.57
CA GLN B 208 1.42 3.89 -7.62
C GLN B 208 0.63 3.83 -8.92
N PHE B 209 0.91 2.82 -9.75
CA PHE B 209 0.30 2.60 -11.04
C PHE B 209 -0.50 1.32 -10.99
N TYR B 210 -1.73 1.35 -11.52
CA TYR B 210 -2.60 0.19 -11.54
C TYR B 210 -2.62 -0.37 -12.95
N GLY B 211 -2.24 -1.63 -13.09
CA GLY B 211 -2.01 -2.17 -14.42
C GLY B 211 -2.51 -3.59 -14.57
N LEU B 212 -1.73 -4.42 -15.26
CA LEU B 212 -2.05 -5.84 -15.42
C LEU B 212 -1.61 -6.64 -14.20
N SER B 213 -1.87 -7.93 -14.24
CA SER B 213 -1.57 -8.85 -13.16
C SER B 213 -0.78 -10.03 -13.71
N GLU B 214 -0.40 -10.93 -12.79
CA GLU B 214 0.27 -12.15 -13.18
C GLU B 214 -0.62 -13.06 -14.01
N ASN B 215 -1.93 -12.80 -14.05
CA ASN B 215 -2.89 -13.64 -14.77
C ASN B 215 -3.16 -13.16 -16.19
N ASP B 216 -2.46 -12.13 -16.66
CA ASP B 216 -2.70 -11.56 -17.98
C ASP B 216 -1.63 -12.05 -18.95
N GLU B 217 -2.06 -12.62 -20.08
CA GLU B 217 -1.12 -13.03 -21.10
C GLU B 217 -0.43 -11.80 -21.65
N TRP B 218 0.85 -11.93 -21.94
CA TRP B 218 1.63 -10.79 -22.39
C TRP B 218 2.75 -11.27 -23.28
N THR B 219 2.92 -10.61 -24.41
CA THR B 219 3.93 -11.02 -25.38
C THR B 219 4.72 -9.85 -25.97
N GLN B 220 4.55 -8.63 -25.46
CA GLN B 220 5.39 -7.55 -25.93
C GLN B 220 6.81 -7.75 -25.42
N ASP B 221 7.76 -7.08 -26.09
CA ASP B 221 9.17 -7.29 -25.79
C ASP B 221 9.57 -6.59 -24.50
N ARG B 222 9.01 -5.42 -24.25
CA ARG B 222 9.02 -4.84 -22.91
C ARG B 222 8.32 -5.78 -21.94
N ALA B 223 8.60 -5.61 -20.65
CA ALA B 223 7.97 -6.46 -19.63
C ALA B 223 6.53 -6.04 -19.37
N LYS B 224 5.71 -7.00 -18.94
CA LYS B 224 4.32 -6.75 -18.62
C LYS B 224 4.17 -5.49 -17.76
N PRO B 225 3.24 -4.58 -18.08
CA PRO B 225 2.99 -3.38 -17.26
C PRO B 225 2.08 -3.66 -16.07
N VAL B 226 2.61 -4.42 -15.12
CA VAL B 226 1.79 -4.80 -13.98
C VAL B 226 1.59 -3.60 -13.06
N THR B 227 0.54 -3.68 -12.25
CA THR B 227 0.42 -2.79 -11.10
C THR B 227 1.75 -2.75 -10.36
N GLN B 228 2.24 -1.54 -10.08
CA GLN B 228 3.55 -1.39 -9.46
C GLN B 228 3.72 0.02 -8.91
N ILE B 229 4.80 0.22 -8.17
CA ILE B 229 5.24 1.53 -7.72
C ILE B 229 6.53 1.89 -8.45
N VAL B 230 6.56 3.07 -9.04
CA VAL B 230 7.77 3.67 -9.58
C VAL B 230 8.00 4.97 -8.81
N SER B 231 9.24 5.19 -8.39
CA SER B 231 9.52 6.37 -7.59
C SER B 231 10.85 6.99 -8.01
N ALA B 232 11.06 8.23 -7.57
CA ALA B 232 12.34 8.88 -7.70
C ALA B 232 12.54 9.70 -6.44
N GLU B 233 13.80 10.06 -6.18
CA GLU B 233 14.17 10.56 -4.87
C GLU B 233 15.25 11.65 -4.98
N ALA B 234 15.43 12.36 -3.88
CA ALA B 234 16.52 13.32 -3.80
C ALA B 234 16.79 13.61 -2.33
N TRP B 235 18.03 13.90 -2.02
CA TRP B 235 18.41 14.41 -0.71
C TRP B 235 18.62 15.92 -0.79
N GLY B 236 18.40 16.59 0.33
CA GLY B 236 18.74 18.00 0.39
C GLY B 236 20.20 18.23 0.12
N ARG B 237 20.54 19.46 -0.26
CA ARG B 237 21.91 19.78 -0.64
C ARG B 237 22.32 21.11 -0.04
N ALA B 238 23.56 21.16 0.45
CA ALA B 238 24.13 22.38 1.02
C ALA B 238 24.75 23.24 -0.07
N GLU C 4 26.94 -31.58 -4.53
CA GLU C 4 26.09 -31.16 -3.43
C GLU C 4 26.79 -30.14 -2.53
N VAL C 5 26.02 -29.65 -1.57
CA VAL C 5 26.42 -28.56 -0.69
C VAL C 5 25.90 -28.96 0.69
N GLU C 6 26.79 -29.14 1.65
CA GLU C 6 26.44 -29.59 3.00
C GLU C 6 26.93 -28.55 4.01
N GLN C 7 25.99 -27.86 4.65
CA GLN C 7 26.30 -26.83 5.64
C GLN C 7 25.76 -27.29 7.01
N ASP C 8 26.00 -26.48 8.05
CA ASP C 8 25.58 -26.84 9.39
C ASP C 8 24.07 -27.06 9.44
N PRO C 9 23.60 -28.12 10.12
CA PRO C 9 22.15 -28.33 10.17
C PRO C 9 21.44 -27.22 10.93
N GLY C 10 22.05 -26.73 12.00
CA GLY C 10 21.45 -25.71 12.84
C GLY C 10 20.56 -26.33 13.91
N PRO C 11 19.75 -25.51 14.57
CA PRO C 11 19.82 -24.05 14.53
C PRO C 11 20.92 -23.55 15.46
N PHE C 12 21.59 -22.46 15.09
CA PHE C 12 22.51 -21.86 16.03
C PHE C 12 21.71 -20.95 16.95
N ASN C 13 22.05 -20.97 18.24
CA ASN C 13 21.38 -20.20 19.26
C ASN C 13 22.44 -19.71 20.24
N VAL C 14 22.73 -18.40 20.23
CA VAL C 14 23.92 -17.89 20.93
C VAL C 14 23.59 -16.59 21.62
N PRO C 15 24.33 -16.27 22.68
CA PRO C 15 24.13 -14.96 23.35
C PRO C 15 24.80 -13.82 22.58
N GLU C 16 24.17 -12.65 22.67
CA GLU C 16 24.73 -11.46 22.06
C GLU C 16 26.20 -11.28 22.45
N GLY C 17 27.06 -11.18 21.42
CA GLY C 17 28.50 -11.05 21.61
C GLY C 17 29.28 -12.28 21.21
N ALA C 18 28.64 -13.43 21.14
CA ALA C 18 29.37 -14.67 20.87
C ALA C 18 29.91 -14.68 19.45
N THR C 19 30.91 -15.53 19.24
CA THR C 19 31.41 -15.85 17.92
C THR C 19 30.63 -17.02 17.36
N VAL C 20 30.30 -16.95 16.06
CA VAL C 20 29.52 -17.98 15.37
C VAL C 20 30.33 -18.48 14.18
N ALA C 21 30.49 -19.79 14.08
CA ALA C 21 31.25 -20.38 12.99
C ALA C 21 30.31 -21.19 12.09
N PHE C 22 30.21 -20.78 10.83
CA PHE C 22 29.47 -21.53 9.82
C PHE C 22 30.48 -22.24 8.91
N ASN C 23 30.15 -23.47 8.53
CA ASN C 23 31.01 -24.24 7.64
C ASN C 23 30.18 -25.00 6.62
N CYS C 24 30.74 -25.15 5.42
CA CYS C 24 30.00 -25.72 4.31
C CYS C 24 30.95 -26.41 3.33
N THR C 25 30.69 -27.67 3.02
CA THR C 25 31.50 -28.45 2.09
C THR C 25 30.74 -28.58 0.78
N TYR C 26 31.47 -28.50 -0.34
CA TYR C 26 30.90 -28.73 -1.66
C TYR C 26 31.55 -29.97 -2.27
N SER C 27 30.84 -30.61 -3.20
CA SER C 27 31.25 -31.94 -3.63
C SER C 27 32.13 -31.94 -4.87
N ASN C 28 32.13 -30.89 -5.68
CA ASN C 28 32.84 -30.89 -6.96
C ASN C 28 34.03 -29.94 -6.90
N SER C 29 35.24 -30.50 -7.02
CA SER C 29 36.44 -29.68 -7.14
C SER C 29 36.36 -28.67 -8.27
N ALA C 30 35.44 -28.85 -9.22
CA ALA C 30 35.34 -27.94 -10.36
C ALA C 30 34.62 -26.65 -10.05
N SER C 31 33.97 -26.54 -8.89
CA SER C 31 33.30 -25.30 -8.53
C SER C 31 34.32 -24.18 -8.38
N GLN C 32 33.87 -22.95 -8.65
CA GLN C 32 34.76 -21.80 -8.55
C GLN C 32 34.07 -20.53 -8.06
N SER C 33 32.76 -20.53 -7.83
CA SER C 33 32.03 -19.36 -7.35
C SER C 33 31.36 -19.70 -6.03
N PHE C 34 31.66 -18.92 -4.99
CA PHE C 34 31.25 -19.27 -3.64
C PHE C 34 30.69 -18.03 -2.97
N PHE C 35 29.56 -18.20 -2.27
CA PHE C 35 28.82 -17.11 -1.65
C PHE C 35 28.20 -17.60 -0.34
N TRP C 36 28.02 -16.66 0.59
CA TRP C 36 27.05 -16.77 1.68
C TRP C 36 25.92 -15.79 1.40
N TYR C 37 24.69 -16.27 1.46
CA TYR C 37 23.49 -15.45 1.38
C TYR C 37 22.81 -15.43 2.74
N ARG C 38 22.02 -14.39 2.96
CA ARG C 38 21.31 -14.18 4.22
C ARG C 38 19.83 -14.09 3.89
N GLN C 39 18.98 -14.69 4.73
CA GLN C 39 17.55 -14.72 4.49
C GLN C 39 16.79 -14.51 5.78
N ASP C 40 15.96 -13.48 5.81
CA ASP C 40 14.92 -13.39 6.84
C ASP C 40 13.79 -14.35 6.46
N CYS C 41 13.06 -14.81 7.47
CA CYS C 41 12.11 -15.90 7.22
C CYS C 41 10.96 -15.45 6.33
N ARG C 42 10.52 -14.19 6.47
CA ARG C 42 9.51 -13.61 5.57
C ARG C 42 10.15 -12.77 4.46
N LYS C 43 11.29 -13.21 3.91
CA LYS C 43 11.97 -12.48 2.86
C LYS C 43 12.77 -13.45 1.98
N GLU C 44 13.52 -12.87 1.04
CA GLU C 44 14.25 -13.57 0.00
C GLU C 44 15.75 -13.59 0.29
N PRO C 45 16.51 -14.50 -0.32
CA PRO C 45 17.96 -14.50 -0.10
C PRO C 45 18.62 -13.22 -0.62
N LYS C 46 19.43 -12.61 0.25
CA LYS C 46 20.28 -11.46 -0.11
C LYS C 46 21.75 -11.83 0.04
N LEU C 47 22.59 -11.28 -0.84
CA LEU C 47 24.02 -11.56 -0.76
C LEU C 47 24.56 -11.04 0.56
N LEU C 48 25.29 -11.89 1.28
CA LEU C 48 26.01 -11.51 2.47
C LEU C 48 27.47 -11.27 2.17
N MET C 49 28.14 -12.26 1.58
CA MET C 49 29.57 -12.17 1.28
C MET C 49 29.85 -13.05 0.08
N SER C 50 30.40 -12.47 -0.98
CA SER C 50 31.16 -13.27 -1.92
C SER C 50 32.41 -13.80 -1.24
N VAL C 51 32.74 -15.06 -1.49
CA VAL C 51 33.91 -15.69 -0.90
C VAL C 51 35.02 -15.81 -1.94
N TYR C 52 35.89 -14.80 -1.97
CA TYR C 52 36.98 -14.73 -2.93
C TYR C 52 38.08 -15.71 -2.57
N SER C 53 38.98 -15.94 -3.54
CA SER C 53 40.01 -16.96 -3.38
C SER C 53 40.83 -16.75 -2.10
N SER C 54 41.07 -15.49 -1.72
CA SER C 54 41.76 -15.18 -0.48
C SER C 54 40.78 -14.88 0.66
N GLY C 55 39.55 -15.39 0.56
CA GLY C 55 38.52 -15.11 1.55
C GLY C 55 37.82 -13.77 1.33
N ASN C 56 37.20 -13.30 2.41
CA ASN C 56 36.54 -12.01 2.41
C ASN C 56 36.51 -11.53 3.85
N GLU C 57 36.40 -10.22 4.02
CA GLU C 57 36.30 -9.67 5.37
C GLU C 57 35.58 -8.34 5.32
N ASP C 58 34.77 -8.09 6.35
CA ASP C 58 34.01 -6.85 6.45
C ASP C 58 33.55 -6.72 7.90
N GLY C 59 34.36 -6.01 8.70
CA GLY C 59 34.02 -5.78 10.08
C GLY C 59 33.95 -7.09 10.84
N ARG C 60 32.77 -7.37 11.41
CA ARG C 60 32.59 -8.56 12.24
C ARG C 60 32.58 -9.86 11.44
N PHE C 61 32.50 -9.78 10.11
CA PHE C 61 32.31 -10.95 9.26
C PHE C 61 33.58 -11.27 8.50
N THR C 62 33.99 -12.53 8.55
CA THR C 62 35.09 -13.01 7.74
C THR C 62 34.70 -14.35 7.13
N ALA C 63 35.14 -14.58 5.91
CA ALA C 63 34.86 -15.82 5.22
C ALA C 63 36.13 -16.30 4.57
N GLN C 64 36.27 -17.63 4.47
CA GLN C 64 37.45 -18.26 3.89
C GLN C 64 37.03 -19.36 2.92
N LEU C 65 37.93 -19.68 1.99
CA LEU C 65 37.76 -20.79 1.06
C LEU C 65 38.95 -21.72 1.18
N ASN C 66 38.70 -23.02 1.19
CA ASN C 66 39.76 -24.03 1.20
C ASN C 66 39.46 -24.94 0.02
N ARG C 67 40.07 -24.64 -1.14
CA ARG C 67 39.82 -25.45 -2.33
C ARG C 67 40.37 -26.85 -2.16
N ALA C 68 41.52 -27.00 -1.50
CA ALA C 68 42.07 -28.33 -1.29
C ALA C 68 41.07 -29.20 -0.53
N SER C 69 40.60 -28.75 0.65
CA SER C 69 39.60 -29.50 1.40
C SER C 69 38.17 -29.33 0.88
N GLN C 70 37.91 -28.28 0.08
CA GLN C 70 36.61 -28.08 -0.59
C GLN C 70 35.54 -27.64 0.40
N TYR C 71 35.84 -26.60 1.19
CA TYR C 71 34.81 -26.01 2.02
C TYR C 71 35.04 -24.52 2.18
N ILE C 72 33.94 -23.79 2.34
CA ILE C 72 33.98 -22.39 2.72
C ILE C 72 33.47 -22.27 4.15
N SER C 73 33.87 -21.19 4.79
CA SER C 73 33.42 -20.88 6.13
C SER C 73 33.03 -19.41 6.20
N LEU C 74 32.30 -19.09 7.26
CA LEU C 74 31.90 -17.73 7.61
C LEU C 74 32.02 -17.63 9.12
N LEU C 75 32.57 -16.51 9.61
CA LEU C 75 32.73 -16.33 11.04
C LEU C 75 32.16 -14.99 11.45
N ILE C 76 31.18 -14.99 12.35
CA ILE C 76 30.60 -13.78 12.88
C ILE C 76 31.16 -13.60 14.28
N ARG C 77 31.97 -12.57 14.46
CA ARG C 77 32.44 -12.20 15.78
C ARG C 77 31.50 -11.15 16.36
N ASP C 78 31.40 -11.13 17.69
CA ASP C 78 30.60 -10.12 18.39
C ASP C 78 29.18 -10.07 17.82
N SER C 79 28.48 -11.21 17.89
CA SER C 79 27.20 -11.32 17.20
C SER C 79 26.19 -10.35 17.81
N LYS C 80 25.36 -9.77 16.94
CA LYS C 80 24.31 -8.85 17.34
C LYS C 80 22.94 -9.44 16.98
N LEU C 81 21.91 -8.94 17.67
CA LEU C 81 20.53 -9.36 17.40
C LEU C 81 20.22 -9.33 15.91
N SER C 82 20.67 -8.28 15.22
CA SER C 82 20.42 -8.09 13.79
C SER C 82 21.05 -9.17 12.93
N ASP C 83 21.96 -9.98 13.48
CA ASP C 83 22.48 -11.12 12.75
C ASP C 83 21.49 -12.29 12.73
N SER C 84 20.43 -12.25 13.54
CA SER C 84 19.49 -13.36 13.56
C SER C 84 18.85 -13.49 12.19
N ALA C 85 18.99 -14.66 11.57
CA ALA C 85 18.53 -14.87 10.21
C ALA C 85 18.82 -16.31 9.84
N THR C 86 18.51 -16.70 8.60
CA THR C 86 18.93 -17.97 8.05
C THR C 86 20.07 -17.75 7.07
N TYR C 87 21.14 -18.52 7.21
CA TYR C 87 22.35 -18.33 6.41
C TYR C 87 22.47 -19.47 5.41
N LEU C 88 22.68 -19.11 4.15
CA LEU C 88 22.65 -20.04 3.04
C LEU C 88 24.05 -20.20 2.46
N CYS C 89 24.49 -21.43 2.31
CA CYS C 89 25.71 -21.72 1.57
C CYS C 89 25.36 -21.87 0.09
N VAL C 90 26.12 -21.21 -0.78
CA VAL C 90 25.76 -21.15 -2.20
C VAL C 90 27.01 -21.41 -3.03
N VAL C 91 26.94 -22.42 -3.89
CA VAL C 91 28.10 -22.90 -4.64
C VAL C 91 27.66 -23.17 -6.07
N ASN C 92 28.44 -22.72 -7.05
CA ASN C 92 28.08 -22.99 -8.42
C ASN C 92 28.32 -24.47 -8.70
N ARG C 93 27.31 -25.11 -9.31
CA ARG C 93 27.48 -26.47 -9.79
C ARG C 93 28.65 -26.53 -10.75
N GLY C 94 29.51 -27.52 -10.54
CA GLY C 94 30.77 -27.60 -11.26
C GLY C 94 30.64 -27.54 -12.78
N SER C 95 31.25 -26.52 -13.37
CA SER C 95 31.23 -26.29 -14.82
C SER C 95 29.85 -25.85 -15.32
N SER C 96 29.17 -25.05 -14.51
CA SER C 96 27.89 -24.45 -14.85
C SER C 96 27.81 -23.08 -14.19
N TYR C 97 26.99 -22.21 -14.78
CA TYR C 97 26.70 -20.95 -14.11
C TYR C 97 25.69 -21.13 -13.00
N LYS C 98 24.86 -22.17 -13.08
CA LYS C 98 23.81 -22.41 -12.10
C LYS C 98 24.38 -22.53 -10.68
N LEU C 99 23.61 -22.11 -9.70
CA LEU C 99 24.02 -22.14 -8.31
C LEU C 99 23.29 -23.22 -7.53
N ILE C 100 24.01 -23.89 -6.63
CA ILE C 100 23.42 -24.84 -5.68
C ILE C 100 23.33 -24.16 -4.34
N PHE C 101 22.13 -24.10 -3.78
CA PHE C 101 21.91 -23.55 -2.45
C PHE C 101 21.81 -24.67 -1.43
N GLY C 102 22.64 -24.59 -0.38
CA GLY C 102 22.46 -25.41 0.83
C GLY C 102 21.11 -25.23 1.52
N SER C 103 20.87 -26.02 2.59
CA SER C 103 19.56 -26.08 3.23
C SER C 103 19.30 -24.92 4.17
N GLY C 104 20.34 -24.23 4.60
CA GLY C 104 20.15 -23.06 5.43
C GLY C 104 20.51 -23.41 6.86
N THR C 105 21.23 -22.51 7.52
CA THR C 105 21.44 -22.62 8.96
C THR C 105 20.85 -21.39 9.59
N ARG C 106 19.94 -21.59 10.53
CA ARG C 106 19.29 -20.49 11.20
C ARG C 106 20.13 -20.05 12.40
N LEU C 107 20.26 -18.73 12.56
CA LEU C 107 20.96 -18.17 13.71
C LEU C 107 19.99 -17.32 14.52
N LEU C 108 20.00 -17.51 15.83
CA LEU C 108 19.24 -16.68 16.74
C LEU C 108 20.19 -16.13 17.79
N VAL C 109 20.21 -14.82 17.94
CA VAL C 109 21.11 -14.16 18.88
C VAL C 109 20.25 -13.60 20.01
N ARG C 110 20.42 -14.15 21.19
CA ARG C 110 19.65 -13.71 22.35
C ARG C 110 20.23 -12.42 22.87
N PRO C 111 19.41 -11.40 23.10
CA PRO C 111 19.94 -10.12 23.57
C PRO C 111 20.59 -10.25 24.94
N ASP C 112 21.60 -9.40 25.17
CA ASP C 112 22.29 -9.30 26.45
C ASP C 112 21.47 -8.32 27.30
N ILE C 113 20.77 -8.84 28.31
CA ILE C 113 19.92 -8.02 29.17
C ILE C 113 20.68 -7.77 30.47
N GLN C 114 21.11 -6.52 30.67
CA GLN C 114 21.93 -6.14 31.81
C GLN C 114 21.11 -5.67 32.99
N ASN C 115 20.02 -4.94 32.75
CA ASN C 115 19.17 -4.39 33.80
C ASN C 115 17.77 -5.00 33.76
N PRO C 116 17.63 -6.31 33.99
CA PRO C 116 16.31 -6.93 33.89
C PRO C 116 15.38 -6.50 35.02
N ASP C 117 14.12 -6.24 34.68
CA ASP C 117 13.10 -5.81 35.65
C ASP C 117 11.80 -6.55 35.40
N PRO C 118 11.80 -7.88 35.56
CA PRO C 118 10.69 -8.67 35.03
C PRO C 118 9.38 -8.31 35.72
N ALA C 119 8.34 -8.16 34.91
CA ALA C 119 7.04 -7.79 35.46
C ALA C 119 5.97 -8.35 34.54
N VAL C 120 4.79 -8.58 35.11
CA VAL C 120 3.62 -9.00 34.36
C VAL C 120 2.57 -7.90 34.47
N TYR C 121 2.27 -7.26 33.35
CA TYR C 121 1.31 -6.18 33.29
C TYR C 121 0.07 -6.62 32.53
N GLN C 122 -1.06 -6.00 32.87
CA GLN C 122 -2.32 -6.19 32.17
C GLN C 122 -2.70 -4.90 31.48
N LEU C 123 -3.16 -5.02 30.23
CA LEU C 123 -3.35 -3.89 29.34
C LEU C 123 -4.76 -3.94 28.79
N ARG C 124 -5.50 -2.84 28.92
CA ARG C 124 -6.92 -2.84 28.58
C ARG C 124 -7.12 -2.42 27.12
N ASP C 125 -8.14 -2.99 26.50
CA ASP C 125 -8.45 -2.66 25.11
C ASP C 125 -8.76 -1.17 24.97
N SER C 126 -8.26 -0.57 23.89
CA SER C 126 -8.51 0.84 23.64
C SER C 126 -9.99 1.11 23.40
N LYS C 127 -10.68 0.17 22.78
CA LYS C 127 -12.12 0.29 22.61
C LYS C 127 -12.83 -0.17 23.88
N SER C 128 -13.85 0.60 24.27
CA SER C 128 -14.49 0.42 25.57
C SER C 128 -15.05 -0.98 25.72
N SER C 129 -14.26 -1.90 26.27
CA SER C 129 -14.66 -3.29 26.36
C SER C 129 -14.03 -3.97 27.59
N ASP C 130 -14.39 -5.23 27.77
CA ASP C 130 -13.79 -6.07 28.80
C ASP C 130 -12.41 -6.54 28.41
N LYS C 131 -12.21 -6.79 27.12
CA LYS C 131 -11.01 -7.44 26.60
C LYS C 131 -9.72 -6.82 27.14
N SER C 132 -8.79 -7.70 27.53
CA SER C 132 -7.47 -7.27 27.99
C SER C 132 -6.45 -8.31 27.55
N VAL C 133 -5.17 -7.94 27.66
CA VAL C 133 -4.09 -8.87 27.41
C VAL C 133 -3.09 -8.77 28.54
N CYS C 134 -2.18 -9.73 28.58
CA CYS C 134 -1.14 -9.80 29.59
C CYS C 134 0.21 -9.72 28.90
N LEU C 135 1.09 -8.94 29.50
CA LEU C 135 2.40 -8.67 28.94
C LEU C 135 3.41 -9.05 30.00
N PHE C 136 4.13 -10.14 29.76
CA PHE C 136 5.31 -10.50 30.54
C PHE C 136 6.53 -9.85 29.87
N THR C 137 7.22 -8.97 30.58
CA THR C 137 8.23 -8.16 29.92
C THR C 137 9.44 -7.95 30.81
N ASP C 138 10.56 -7.56 30.17
CA ASP C 138 11.77 -7.04 30.80
C ASP C 138 12.56 -8.11 31.56
N PHE C 139 12.39 -9.37 31.18
CA PHE C 139 13.12 -10.47 31.76
C PHE C 139 14.38 -10.73 30.95
N ASP C 140 15.42 -11.27 31.60
CA ASP C 140 16.67 -11.50 30.88
C ASP C 140 16.55 -12.74 29.99
N SER C 141 17.59 -13.02 29.22
CA SER C 141 17.49 -14.04 28.20
C SER C 141 17.58 -15.45 28.75
N GLN C 142 18.09 -15.62 29.97
CA GLN C 142 18.14 -16.94 30.61
C GLN C 142 16.74 -17.44 30.99
N THR C 143 15.77 -16.55 31.16
CA THR C 143 14.40 -16.98 31.39
C THR C 143 13.75 -17.28 30.05
N ASN C 144 13.19 -18.48 29.92
CA ASN C 144 12.50 -18.81 28.69
C ASN C 144 11.00 -18.97 28.97
N VAL C 145 10.22 -18.74 27.92
CA VAL C 145 8.78 -18.74 28.02
C VAL C 145 8.27 -20.00 27.35
N SER C 146 7.40 -20.73 28.05
CA SER C 146 6.79 -21.92 27.46
C SER C 146 5.48 -21.55 26.80
N GLN C 147 5.14 -22.30 25.75
CA GLN C 147 3.81 -22.17 25.18
C GLN C 147 2.79 -22.65 26.21
N SER C 148 1.55 -22.18 26.06
CA SER C 148 0.55 -22.51 27.06
C SER C 148 0.31 -24.01 27.08
N LYS C 149 0.01 -24.53 28.27
CA LYS C 149 -0.39 -25.92 28.44
C LYS C 149 -1.90 -26.00 28.69
N ASP C 150 -2.66 -25.09 28.06
CA ASP C 150 -4.10 -25.03 28.25
C ASP C 150 -4.76 -24.57 26.95
N SER C 151 -5.76 -25.34 26.52
CA SER C 151 -6.33 -25.23 25.17
C SER C 151 -6.66 -23.79 24.75
N ASP C 152 -7.44 -23.08 25.57
CA ASP C 152 -7.94 -21.75 25.19
C ASP C 152 -7.12 -20.60 25.80
N VAL C 153 -5.85 -20.84 26.14
CA VAL C 153 -4.92 -19.82 26.59
C VAL C 153 -3.84 -19.69 25.53
N TYR C 154 -3.52 -18.46 25.12
CA TYR C 154 -2.52 -18.23 24.10
C TYR C 154 -1.34 -17.46 24.69
N ILE C 155 -0.15 -18.04 24.57
CA ILE C 155 1.10 -17.42 24.99
C ILE C 155 2.03 -17.40 23.78
N THR C 156 2.57 -16.22 23.46
CA THR C 156 3.49 -16.08 22.34
C THR C 156 4.90 -16.48 22.76
N ASP C 157 5.73 -16.79 21.77
CA ASP C 157 7.16 -16.85 22.01
C ASP C 157 7.66 -15.48 22.45
N LYS C 158 8.86 -15.45 23.01
CA LYS C 158 9.40 -14.15 23.38
C LYS C 158 9.75 -13.34 22.14
N CYS C 159 9.84 -12.04 22.33
CA CYS C 159 10.08 -11.09 21.26
C CYS C 159 10.94 -9.97 21.81
N VAL C 160 11.98 -9.58 21.07
CA VAL C 160 12.91 -8.54 21.50
C VAL C 160 12.60 -7.26 20.74
N LEU C 161 12.26 -6.19 21.46
CA LEU C 161 12.12 -4.87 20.85
C LEU C 161 13.32 -4.03 21.23
N ASP C 162 13.69 -3.12 20.33
CA ASP C 162 14.89 -2.28 20.47
C ASP C 162 14.46 -0.82 20.37
N MET C 163 14.53 -0.09 21.50
CA MET C 163 14.24 1.34 21.45
C MET C 163 15.53 2.02 20.99
N ARG C 164 15.70 2.06 19.66
CA ARG C 164 16.99 2.38 19.06
C ARG C 164 17.56 3.65 19.66
N SER C 165 16.82 4.74 19.54
CA SER C 165 17.24 6.03 20.08
C SER C 165 17.63 5.96 21.55
N MET C 166 17.30 4.81 22.19
CA MET C 166 17.44 4.60 23.63
C MET C 166 18.56 3.66 24.02
N ASP C 167 19.18 2.93 23.07
CA ASP C 167 20.23 1.93 23.36
C ASP C 167 19.71 0.93 24.39
N PHE C 168 18.42 0.61 24.27
CA PHE C 168 17.70 -0.21 25.22
C PHE C 168 16.94 -1.30 24.48
N LYS C 169 17.19 -2.55 24.86
CA LYS C 169 16.43 -3.69 24.41
C LYS C 169 15.63 -4.27 25.58
N SER C 170 14.56 -4.98 25.26
CA SER C 170 13.78 -5.64 26.30
C SER C 170 12.99 -6.80 25.70
N ASN C 171 12.99 -7.92 26.41
CA ASN C 171 12.22 -9.09 26.01
C ASN C 171 10.79 -8.92 26.49
N SER C 172 9.86 -9.54 25.75
CA SER C 172 8.49 -9.63 26.23
C SER C 172 7.78 -10.80 25.56
N ALA C 173 6.84 -11.37 26.31
CA ALA C 173 5.83 -12.28 25.78
C ALA C 173 4.45 -11.74 26.14
N VAL C 174 3.49 -12.02 25.27
CA VAL C 174 2.10 -11.57 25.44
C VAL C 174 1.23 -12.81 25.62
N ALA C 175 0.18 -12.68 26.41
CA ALA C 175 -0.80 -13.76 26.50
C ALA C 175 -2.21 -13.19 26.62
N TRP C 176 -3.18 -13.99 26.18
CA TRP C 176 -4.58 -13.65 26.31
C TRP C 176 -5.39 -14.94 26.28
N SER C 177 -6.65 -14.82 26.73
CA SER C 177 -7.61 -15.91 26.77
C SER C 177 -9.00 -15.30 26.92
N ASN C 178 -10.00 -16.03 26.44
CA ASN C 178 -11.40 -15.64 26.60
C ASN C 178 -12.08 -16.37 27.75
N LYS C 179 -11.32 -17.05 28.60
CA LYS C 179 -11.92 -17.76 29.73
C LYS C 179 -12.35 -16.77 30.80
N SER C 180 -13.61 -16.89 31.24
CA SER C 180 -14.25 -15.80 32.00
C SER C 180 -13.46 -15.41 33.25
N ASP C 181 -12.67 -16.32 33.82
CA ASP C 181 -11.95 -16.00 35.05
C ASP C 181 -10.46 -15.84 34.82
N PHE C 182 -10.02 -15.81 33.56
CA PHE C 182 -8.60 -15.81 33.25
C PHE C 182 -7.90 -14.62 33.88
N ALA C 183 -6.81 -14.89 34.57
CA ALA C 183 -5.98 -13.83 35.11
C ALA C 183 -4.57 -14.02 34.57
N CYS C 184 -3.77 -12.96 34.65
CA CYS C 184 -2.46 -12.96 34.00
C CYS C 184 -1.55 -14.01 34.60
N ALA C 185 -1.64 -14.23 35.91
CA ALA C 185 -0.86 -15.29 36.55
C ALA C 185 -1.23 -16.68 36.03
N ASN C 186 -2.40 -16.86 35.42
CA ASN C 186 -2.75 -18.18 34.94
C ASN C 186 -1.91 -18.58 33.74
N ALA C 187 -1.36 -17.61 33.01
CA ALA C 187 -0.44 -17.85 31.89
C ALA C 187 1.02 -17.69 32.31
N PHE C 188 1.35 -16.58 32.96
CA PHE C 188 2.70 -16.34 33.45
C PHE C 188 2.70 -16.65 34.94
N ASN C 189 2.91 -17.93 35.26
CA ASN C 189 2.85 -18.42 36.63
C ASN C 189 4.20 -18.83 37.19
N ASN C 190 5.05 -19.48 36.40
CA ASN C 190 6.36 -19.93 36.89
C ASN C 190 7.46 -19.37 35.98
N SER C 191 7.69 -18.08 36.16
CA SER C 191 8.83 -17.31 35.70
C SER C 191 9.56 -16.78 36.94
N ILE C 192 10.74 -16.19 36.74
CA ILE C 192 11.65 -15.94 37.86
C ILE C 192 11.31 -14.59 38.47
N ILE C 193 10.46 -14.64 39.50
CA ILE C 193 10.21 -13.60 40.51
C ILE C 193 9.98 -12.19 39.96
N PRO C 194 9.07 -11.99 38.97
CA PRO C 194 8.77 -10.62 38.54
C PRO C 194 8.06 -9.76 39.58
N GLU C 195 7.67 -8.56 39.16
CA GLU C 195 6.73 -7.73 39.88
C GLU C 195 5.35 -8.02 39.30
N ASP C 196 4.71 -9.08 39.79
CA ASP C 196 3.41 -9.46 39.26
C ASP C 196 2.33 -8.56 39.86
N THR C 197 2.52 -7.24 39.75
CA THR C 197 1.63 -6.20 40.27
C THR C 197 0.15 -6.54 40.33
N GLY D 1 15.42 -3.65 -8.42
CA GLY D 1 15.82 -5.04 -8.36
C GLY D 1 14.89 -5.93 -9.17
N VAL D 2 14.99 -7.23 -8.94
CA VAL D 2 14.04 -8.17 -9.52
C VAL D 2 12.67 -7.94 -8.90
N ALA D 3 11.62 -7.91 -9.72
CA ALA D 3 10.27 -7.75 -9.24
C ALA D 3 9.46 -9.03 -9.39
N GLN D 4 8.55 -9.25 -8.45
CA GLN D 4 7.70 -10.44 -8.46
C GLN D 4 6.28 -10.03 -8.08
N SER D 5 5.31 -10.75 -8.66
CA SER D 5 3.90 -10.52 -8.34
C SER D 5 3.24 -11.89 -8.41
N PRO D 6 2.28 -12.19 -7.50
CA PRO D 6 1.93 -11.31 -6.39
C PRO D 6 2.97 -11.43 -5.26
N ARG D 7 2.73 -10.86 -4.09
CA ARG D 7 3.63 -11.12 -2.96
C ARG D 7 3.14 -12.29 -2.11
N TYR D 8 1.83 -12.50 -2.07
CA TYR D 8 1.15 -13.57 -1.36
C TYR D 8 -0.03 -14.06 -2.21
N LYS D 9 -0.26 -15.38 -2.24
CA LYS D 9 -1.40 -15.93 -2.97
C LYS D 9 -2.04 -17.06 -2.20
N ILE D 10 -3.33 -16.94 -1.91
CA ILE D 10 -4.12 -18.04 -1.38
C ILE D 10 -4.92 -18.66 -2.51
N ILE D 11 -4.68 -19.93 -2.74
CA ILE D 11 -5.35 -20.70 -3.76
C ILE D 11 -6.07 -21.83 -3.04
N GLU D 12 -7.08 -22.37 -3.69
CA GLU D 12 -7.74 -23.56 -3.21
C GLU D 12 -7.13 -24.77 -3.91
N LYS D 13 -6.86 -25.81 -3.13
CA LYS D 13 -6.28 -27.05 -3.63
C LYS D 13 -6.90 -27.41 -4.97
N ARG D 14 -6.03 -27.63 -5.94
CA ARG D 14 -6.40 -28.08 -7.28
C ARG D 14 -6.95 -26.92 -8.13
N GLN D 15 -6.91 -25.67 -7.70
CA GLN D 15 -7.16 -24.61 -8.66
C GLN D 15 -5.90 -24.38 -9.50
N SER D 16 -5.88 -23.29 -10.25
CA SER D 16 -4.72 -22.88 -11.01
C SER D 16 -4.09 -21.67 -10.35
N VAL D 17 -2.81 -21.44 -10.62
CA VAL D 17 -2.13 -20.25 -10.08
C VAL D 17 -0.96 -19.88 -10.98
N ALA D 18 -0.70 -18.58 -11.07
CA ALA D 18 0.37 -18.02 -11.87
C ALA D 18 1.30 -17.17 -11.03
N PHE D 19 2.55 -17.11 -11.46
CA PHE D 19 3.55 -16.29 -10.79
C PHE D 19 4.28 -15.49 -11.85
N TRP D 20 4.57 -14.22 -11.56
CA TRP D 20 5.21 -13.35 -12.53
C TRP D 20 6.51 -12.78 -11.96
N CYS D 21 7.54 -12.77 -12.80
CA CYS D 21 8.84 -12.27 -12.41
C CYS D 21 9.40 -11.40 -13.51
N ASN D 22 10.05 -10.31 -13.12
CA ASN D 22 10.75 -9.42 -14.04
C ASN D 22 12.19 -9.29 -13.58
N PRO D 23 13.17 -9.70 -14.39
CA PRO D 23 14.57 -9.64 -13.96
C PRO D 23 15.07 -8.19 -13.92
N ILE D 24 16.26 -8.05 -13.33
CA ILE D 24 16.98 -6.78 -13.46
C ILE D 24 17.19 -6.53 -14.95
N SER D 25 17.13 -5.25 -15.35
CA SER D 25 17.04 -4.96 -16.77
C SER D 25 18.29 -5.43 -17.49
N GLY D 26 18.11 -6.32 -18.46
CA GLY D 26 19.21 -6.77 -19.28
C GLY D 26 19.82 -8.10 -18.88
N HIS D 27 19.43 -8.65 -17.74
CA HIS D 27 20.01 -9.92 -17.29
C HIS D 27 19.57 -11.07 -18.20
N ALA D 28 20.54 -11.82 -18.71
CA ALA D 28 20.24 -12.88 -19.68
C ALA D 28 19.68 -14.14 -19.04
N THR D 29 20.05 -14.43 -17.79
CA THR D 29 19.64 -15.67 -17.15
C THR D 29 18.61 -15.40 -16.07
N LEU D 30 17.59 -16.27 -16.02
CA LEU D 30 16.46 -16.12 -15.13
C LEU D 30 16.15 -17.48 -14.57
N TYR D 31 15.91 -17.53 -13.25
CA TYR D 31 15.70 -18.78 -12.51
C TYR D 31 14.41 -18.68 -11.73
N TRP D 32 13.68 -19.79 -11.66
CA TRP D 32 12.61 -20.00 -10.70
C TRP D 32 13.05 -21.04 -9.68
N TYR D 33 12.66 -20.84 -8.43
CA TYR D 33 12.93 -21.75 -7.33
C TYR D 33 11.69 -21.95 -6.49
N GLN D 34 11.63 -23.11 -5.83
CA GLN D 34 10.65 -23.37 -4.79
C GLN D 34 11.38 -23.52 -3.47
N GLN D 35 10.81 -22.94 -2.41
CA GLN D 35 11.45 -22.97 -1.10
C GLN D 35 10.43 -23.45 -0.07
N ILE D 36 10.53 -24.72 0.33
CA ILE D 36 9.71 -25.23 1.42
C ILE D 36 10.28 -24.70 2.73
N LEU D 37 9.41 -24.47 3.70
CA LEU D 37 9.87 -23.89 4.96
C LEU D 37 10.92 -24.79 5.60
N GLY D 38 11.98 -24.17 6.10
CA GLY D 38 13.08 -24.86 6.70
C GLY D 38 14.13 -25.37 5.73
N GLN D 39 13.76 -25.55 4.46
CA GLN D 39 14.71 -25.99 3.44
C GLN D 39 15.30 -24.76 2.74
N GLY D 40 16.10 -25.02 1.71
CA GLY D 40 16.62 -23.96 0.88
C GLY D 40 15.92 -23.88 -0.46
N PRO D 41 16.27 -22.86 -1.25
CA PRO D 41 15.69 -22.74 -2.60
C PRO D 41 16.15 -23.89 -3.49
N LYS D 42 15.19 -24.59 -4.08
CA LYS D 42 15.44 -25.70 -5.00
C LYS D 42 14.98 -25.27 -6.39
N LEU D 43 15.84 -25.45 -7.37
CA LEU D 43 15.57 -24.99 -8.72
C LEU D 43 14.34 -25.67 -9.30
N LEU D 44 13.46 -24.88 -9.90
CA LEU D 44 12.44 -25.41 -10.78
C LEU D 44 12.90 -25.40 -12.23
N ILE D 45 13.38 -24.25 -12.70
CA ILE D 45 13.73 -24.09 -14.10
C ILE D 45 14.66 -22.89 -14.27
N GLN D 46 15.60 -23.02 -15.20
CA GLN D 46 16.49 -21.95 -15.64
C GLN D 46 16.17 -21.54 -17.07
N PHE D 47 16.22 -20.23 -17.35
CA PHE D 47 16.05 -19.67 -18.69
C PHE D 47 17.32 -18.94 -19.06
N GLN D 48 17.91 -19.28 -20.20
CA GLN D 48 18.98 -18.47 -20.78
C GLN D 48 18.35 -17.65 -21.89
N ASN D 49 18.21 -16.34 -21.64
CA ASN D 49 17.40 -15.46 -22.47
C ASN D 49 16.00 -16.02 -22.68
N ASN D 50 15.80 -16.68 -23.82
CA ASN D 50 14.48 -16.91 -24.39
C ASN D 50 14.10 -18.39 -24.43
N GLY D 51 15.05 -19.30 -24.28
CA GLY D 51 14.76 -20.74 -24.29
C GLY D 51 15.11 -21.42 -22.98
N VAL D 52 14.40 -22.51 -22.70
CA VAL D 52 14.68 -23.31 -21.51
C VAL D 52 16.04 -23.97 -21.66
N VAL D 53 16.76 -24.10 -20.53
CA VAL D 53 18.05 -24.78 -20.54
C VAL D 53 18.05 -25.89 -19.49
N ASP D 54 17.23 -25.75 -18.45
CA ASP D 54 17.21 -26.71 -17.34
C ASP D 54 15.80 -26.72 -16.77
N ASP D 55 14.96 -27.59 -17.32
CA ASP D 55 13.67 -27.94 -16.75
C ASP D 55 13.69 -29.34 -16.13
N SER D 56 14.89 -29.86 -15.86
CA SER D 56 15.08 -31.20 -15.30
C SER D 56 14.23 -31.43 -14.06
N GLN D 57 14.53 -30.70 -13.00
CA GLN D 57 13.86 -30.88 -11.71
C GLN D 57 12.48 -30.24 -11.67
N LEU D 58 11.98 -29.77 -12.81
CA LEU D 58 10.62 -29.25 -12.90
C LEU D 58 9.63 -30.41 -13.05
N PRO D 59 8.68 -30.59 -12.14
CA PRO D 59 7.74 -31.70 -12.29
C PRO D 59 6.79 -31.45 -13.45
N LYS D 60 7.27 -31.58 -14.68
CA LYS D 60 6.39 -31.48 -15.84
C LYS D 60 5.30 -32.52 -15.68
N ASP D 61 4.16 -32.06 -15.17
CA ASP D 61 2.99 -32.86 -14.88
C ASP D 61 2.00 -31.88 -14.32
N ARG D 62 2.53 -30.87 -13.61
CA ARG D 62 1.75 -29.76 -13.10
C ARG D 62 2.47 -28.41 -13.15
N PHE D 63 3.76 -28.36 -13.49
CA PHE D 63 4.53 -27.12 -13.49
C PHE D 63 4.97 -26.78 -14.91
N SER D 64 4.86 -25.50 -15.25
CA SER D 64 5.28 -24.99 -16.55
C SER D 64 5.74 -23.54 -16.40
N ALA D 65 6.58 -23.10 -17.32
CA ALA D 65 7.17 -21.78 -17.20
C ALA D 65 7.44 -21.22 -18.59
N GLU D 66 7.42 -19.88 -18.68
CA GLU D 66 7.55 -19.15 -19.93
C GLU D 66 8.43 -17.91 -19.73
N ARG D 67 9.25 -17.61 -20.74
CA ARG D 67 9.98 -16.35 -20.83
C ARG D 67 10.05 -16.01 -22.33
N LEU D 68 8.87 -15.73 -22.90
CA LEU D 68 8.70 -15.78 -24.35
C LEU D 68 9.62 -14.81 -25.08
N LYS D 69 9.87 -13.64 -24.50
CA LYS D 69 10.72 -12.63 -25.13
C LYS D 69 12.06 -12.45 -24.44
N GLY D 70 12.43 -13.32 -23.51
CA GLY D 70 13.71 -13.15 -22.87
C GLY D 70 13.76 -12.07 -21.80
N VAL D 71 12.59 -11.55 -21.40
CA VAL D 71 12.55 -10.49 -20.39
C VAL D 71 11.84 -11.03 -19.16
N ASP D 72 10.54 -10.80 -19.04
CA ASP D 72 9.87 -11.30 -17.86
C ASP D 72 9.43 -12.74 -18.07
N SER D 73 9.12 -13.41 -16.97
CA SER D 73 8.83 -14.83 -17.00
C SER D 73 7.59 -15.12 -16.18
N THR D 74 6.90 -16.19 -16.58
CA THR D 74 5.69 -16.64 -15.90
C THR D 74 5.85 -18.12 -15.55
N LEU D 75 5.64 -18.44 -14.28
CA LEU D 75 5.60 -19.80 -13.79
C LEU D 75 4.17 -20.16 -13.45
N LYS D 76 3.77 -21.40 -13.77
CA LYS D 76 2.38 -21.83 -13.63
C LYS D 76 2.29 -23.17 -12.91
N ILE D 77 1.32 -23.30 -12.03
CA ILE D 77 0.99 -24.55 -11.35
C ILE D 77 -0.48 -24.83 -11.67
N GLN D 78 -0.74 -25.83 -12.51
CA GLN D 78 -2.10 -26.21 -12.86
C GLN D 78 -2.17 -27.73 -12.99
N PRO D 79 -2.81 -28.41 -12.04
CA PRO D 79 -3.34 -27.91 -10.76
C PRO D 79 -2.36 -27.81 -9.64
N ALA D 80 -2.80 -27.19 -8.56
CA ALA D 80 -1.99 -27.02 -7.37
C ALA D 80 -2.43 -28.01 -6.30
N LYS D 81 -1.47 -28.78 -5.82
CA LYS D 81 -1.71 -29.68 -4.70
C LYS D 81 -1.34 -28.97 -3.41
N LEU D 82 -1.84 -29.49 -2.31
CA LEU D 82 -1.58 -28.86 -1.01
C LEU D 82 -0.09 -28.88 -0.69
N GLU D 83 0.66 -29.84 -1.22
CA GLU D 83 2.10 -29.89 -0.97
C GLU D 83 2.85 -28.83 -1.73
N ASP D 84 2.16 -27.96 -2.43
CA ASP D 84 2.79 -26.87 -3.16
C ASP D 84 2.92 -25.61 -2.32
N SER D 85 2.36 -25.59 -1.11
CA SER D 85 2.50 -24.48 -0.18
C SER D 85 3.97 -24.17 0.05
N ALA D 86 4.42 -22.98 -0.37
CA ALA D 86 5.83 -22.63 -0.30
C ALA D 86 6.03 -21.19 -0.77
N VAL D 87 7.28 -20.72 -0.69
CA VAL D 87 7.67 -19.43 -1.26
C VAL D 87 8.24 -19.71 -2.63
N TYR D 88 7.77 -18.97 -3.64
CA TYR D 88 8.29 -19.10 -4.99
C TYR D 88 9.16 -17.89 -5.29
N LEU D 89 10.46 -18.13 -5.42
CA LEU D 89 11.47 -17.11 -5.60
C LEU D 89 11.85 -17.00 -7.08
N CYS D 90 12.20 -15.80 -7.49
CA CYS D 90 12.76 -15.57 -8.82
C CYS D 90 14.10 -14.87 -8.67
N ALA D 91 15.07 -15.29 -9.46
CA ALA D 91 16.38 -14.67 -9.41
C ALA D 91 16.87 -14.43 -10.84
N SER D 92 17.61 -13.34 -11.03
CA SER D 92 18.23 -13.10 -12.33
C SER D 92 19.73 -12.96 -12.15
N SER D 93 20.46 -13.17 -13.26
CA SER D 93 21.92 -13.06 -13.25
C SER D 93 22.43 -12.76 -14.66
N GLN D 94 23.72 -12.46 -14.73
CA GLN D 94 24.47 -12.52 -15.98
C GLN D 94 25.53 -13.62 -15.97
N THR D 95 26.35 -13.71 -14.92
CA THR D 95 27.30 -14.80 -14.81
C THR D 95 26.91 -15.63 -13.58
N TYR D 96 27.61 -15.53 -12.46
CA TYR D 96 27.36 -16.37 -11.31
C TYR D 96 26.42 -15.71 -10.31
N GLU D 97 26.71 -14.48 -9.87
CA GLU D 97 25.90 -13.84 -8.85
C GLU D 97 24.44 -13.75 -9.28
N GLN D 98 23.56 -14.26 -8.43
CA GLN D 98 22.13 -14.23 -8.65
C GLN D 98 21.49 -13.19 -7.73
N TYR D 99 20.59 -12.41 -8.29
CA TYR D 99 19.86 -11.37 -7.58
C TYR D 99 18.41 -11.81 -7.49
N PHE D 100 17.85 -11.82 -6.27
CA PHE D 100 16.55 -12.42 -6.03
C PHE D 100 15.47 -11.35 -5.96
N GLY D 101 14.31 -11.64 -6.57
CA GLY D 101 13.13 -10.88 -6.27
C GLY D 101 12.63 -11.17 -4.88
N PRO D 102 11.58 -10.46 -4.47
CA PRO D 102 11.05 -10.64 -3.10
C PRO D 102 10.25 -11.91 -2.86
N GLY D 103 9.84 -12.63 -3.89
CA GLY D 103 9.20 -13.91 -3.68
C GLY D 103 7.69 -13.80 -3.57
N THR D 104 7.03 -14.92 -3.87
CA THR D 104 5.58 -15.06 -3.72
C THR D 104 5.36 -16.21 -2.76
N ARG D 105 4.72 -15.93 -1.63
CA ARG D 105 4.35 -16.97 -0.69
C ARG D 105 3.02 -17.56 -1.11
N LEU D 106 2.99 -18.86 -1.37
CA LEU D 106 1.76 -19.55 -1.77
C LEU D 106 1.28 -20.45 -0.64
N THR D 107 0.03 -20.30 -0.26
CA THR D 107 -0.63 -21.31 0.55
C THR D 107 -1.72 -21.95 -0.28
N VAL D 108 -1.71 -23.27 -0.34
CA VAL D 108 -2.77 -24.04 -0.98
C VAL D 108 -3.64 -24.61 0.13
N THR D 109 -4.92 -24.24 0.12
CA THR D 109 -5.83 -24.63 1.18
C THR D 109 -6.84 -25.64 0.65
N GLU D 110 -7.48 -26.35 1.59
CA GLU D 110 -8.44 -27.37 1.17
C GLU D 110 -9.72 -26.76 0.60
N ASP D 111 -10.21 -25.68 1.22
CA ASP D 111 -11.42 -25.04 0.74
C ASP D 111 -11.37 -23.56 1.10
N LEU D 112 -11.65 -22.70 0.12
CA LEU D 112 -11.57 -21.26 0.37
C LEU D 112 -12.55 -20.77 1.42
N LYS D 113 -13.53 -21.57 1.82
CA LYS D 113 -14.37 -21.21 2.96
C LYS D 113 -13.57 -21.08 4.25
N ASN D 114 -12.34 -21.61 4.28
CA ASN D 114 -11.49 -21.48 5.46
C ASN D 114 -10.82 -20.11 5.55
N VAL D 115 -10.83 -19.33 4.48
CA VAL D 115 -10.16 -18.03 4.47
C VAL D 115 -10.98 -17.06 5.32
N PHE D 116 -10.32 -16.45 6.31
CA PHE D 116 -10.90 -15.41 7.13
C PHE D 116 -9.94 -14.22 7.20
N PRO D 117 -10.48 -13.01 7.34
CA PRO D 117 -9.61 -11.86 7.54
C PRO D 117 -9.35 -11.67 9.02
N PRO D 118 -8.28 -10.98 9.39
CA PRO D 118 -8.00 -10.76 10.80
C PRO D 118 -8.90 -9.71 11.40
N GLU D 119 -9.12 -9.83 12.71
CA GLU D 119 -9.65 -8.75 13.50
C GLU D 119 -8.51 -8.20 14.36
N VAL D 120 -8.56 -6.90 14.63
CA VAL D 120 -7.41 -6.20 15.17
C VAL D 120 -7.85 -5.38 16.37
N ALA D 121 -7.07 -5.45 17.45
CA ALA D 121 -7.34 -4.68 18.65
C ALA D 121 -6.01 -4.12 19.17
N VAL D 122 -6.08 -2.92 19.75
CA VAL D 122 -4.91 -2.29 20.36
C VAL D 122 -5.15 -2.12 21.86
N PHE D 123 -4.19 -2.57 22.66
CA PHE D 123 -4.32 -2.55 24.12
C PHE D 123 -3.38 -1.52 24.72
N GLU D 124 -3.91 -0.65 25.56
CA GLU D 124 -3.20 0.53 26.01
C GLU D 124 -2.22 0.17 27.14
N PRO D 125 -1.10 0.90 27.22
CA PRO D 125 -0.11 0.63 28.26
C PRO D 125 -0.75 0.56 29.64
N SER D 126 -0.30 -0.40 30.43
CA SER D 126 -0.72 -0.46 31.82
C SER D 126 -0.20 0.74 32.58
N GLU D 127 -1.05 1.31 33.45
CA GLU D 127 -0.60 2.37 34.36
C GLU D 127 0.55 1.88 35.24
N ALA D 128 0.52 0.60 35.61
CA ALA D 128 1.55 0.05 36.48
C ALA D 128 2.90 0.01 35.80
N GLU D 129 2.93 -0.33 34.50
CA GLU D 129 4.17 -0.29 33.74
C GLU D 129 4.73 1.13 33.68
N ILE D 130 3.82 2.10 33.55
CA ILE D 130 4.24 3.50 33.46
C ILE D 130 4.97 3.92 34.73
N SER D 131 4.42 3.59 35.90
CA SER D 131 5.06 4.00 37.16
C SER D 131 6.35 3.23 37.41
N HIS D 132 6.31 1.91 37.26
CA HIS D 132 7.46 1.08 37.57
C HIS D 132 8.65 1.40 36.65
N THR D 133 8.40 1.57 35.36
CA THR D 133 9.47 1.64 34.38
C THR D 133 9.66 3.01 33.74
N GLN D 134 8.67 3.90 33.81
CA GLN D 134 8.70 5.13 33.02
C GLN D 134 8.78 4.83 31.53
N LYS D 135 8.19 3.70 31.12
CA LYS D 135 8.02 3.34 29.71
C LYS D 135 6.59 2.88 29.49
N ALA D 136 6.21 2.71 28.22
CA ALA D 136 4.81 2.42 27.91
C ALA D 136 4.74 1.54 26.68
N THR D 137 4.17 0.36 26.87
CA THR D 137 4.12 -0.65 25.82
C THR D 137 2.69 -0.82 25.37
N LEU D 138 2.43 -0.49 24.11
CA LEU D 138 1.17 -0.82 23.44
C LEU D 138 1.29 -2.21 22.87
N VAL D 139 0.18 -2.94 22.85
CA VAL D 139 0.13 -4.26 22.23
C VAL D 139 -0.95 -4.24 21.17
N CYS D 140 -0.64 -4.84 20.03
CA CYS D 140 -1.62 -5.05 18.98
C CYS D 140 -1.85 -6.55 18.82
N LEU D 141 -3.12 -6.93 18.75
CA LEU D 141 -3.56 -8.32 18.67
C LEU D 141 -4.36 -8.50 17.38
N ALA D 142 -3.84 -9.26 16.44
CA ALA D 142 -4.60 -9.67 15.28
C ALA D 142 -5.04 -11.12 15.50
N THR D 143 -6.34 -11.38 15.30
CA THR D 143 -6.90 -12.68 15.66
C THR D 143 -7.74 -13.24 14.53
N GLY D 144 -7.77 -14.57 14.44
CA GLY D 144 -8.73 -15.28 13.64
C GLY D 144 -8.54 -15.19 12.15
N PHE D 145 -7.31 -15.10 11.66
CA PHE D 145 -7.07 -14.96 10.23
C PHE D 145 -6.51 -16.24 9.64
N TYR D 146 -6.84 -16.47 8.36
CA TYR D 146 -6.36 -17.59 7.57
C TYR D 146 -6.43 -17.15 6.11
N PRO D 147 -5.36 -17.38 5.31
CA PRO D 147 -4.07 -17.95 5.73
C PRO D 147 -3.26 -16.91 6.49
N ASP D 148 -2.07 -17.26 6.97
CA ASP D 148 -1.25 -16.27 7.66
C ASP D 148 -0.40 -15.54 6.61
N HIS D 149 -1.10 -14.70 5.87
CA HIS D 149 -0.55 -13.84 4.83
C HIS D 149 -0.90 -12.45 5.29
N VAL D 150 -0.15 -11.91 6.26
CA VAL D 150 -0.43 -10.62 6.85
C VAL D 150 0.86 -9.83 7.00
N GLU D 151 0.75 -8.51 6.93
CA GLU D 151 1.84 -7.61 7.30
C GLU D 151 1.33 -6.61 8.31
N LEU D 152 1.88 -6.64 9.52
CA LEU D 152 1.48 -5.72 10.57
C LEU D 152 2.50 -4.59 10.68
N SER D 153 2.00 -3.36 10.87
CA SER D 153 2.86 -2.20 10.96
C SER D 153 2.29 -1.24 12.00
N TRP D 154 3.16 -0.44 12.59
CA TRP D 154 2.76 0.58 13.55
C TRP D 154 2.97 1.95 12.94
N TRP D 155 2.03 2.85 13.23
CA TRP D 155 1.99 4.19 12.69
C TRP D 155 1.78 5.16 13.84
N VAL D 156 2.76 6.00 14.12
CA VAL D 156 2.62 7.02 15.17
C VAL D 156 2.52 8.38 14.48
N ASN D 157 1.38 9.05 14.69
CA ASN D 157 1.13 10.38 14.13
C ASN D 157 1.32 10.39 12.61
N GLY D 158 0.69 9.44 11.94
CA GLY D 158 0.70 9.37 10.48
C GLY D 158 1.95 8.79 9.88
N LYS D 159 2.89 8.30 10.69
CA LYS D 159 4.22 7.94 10.22
C LYS D 159 4.55 6.54 10.70
N GLU D 160 4.88 5.64 9.78
CA GLU D 160 5.24 4.28 10.14
C GLU D 160 6.51 4.29 11.00
N VAL D 161 6.49 3.53 12.09
CA VAL D 161 7.63 3.45 12.99
C VAL D 161 8.27 2.08 12.87
N HIS D 162 9.51 2.00 13.34
CA HIS D 162 10.21 0.73 13.41
C HIS D 162 10.93 0.59 14.74
N SER D 163 11.39 1.70 15.31
CA SER D 163 12.08 1.64 16.59
C SER D 163 11.11 1.30 17.72
N GLY D 164 11.53 0.40 18.59
CA GLY D 164 10.71 -0.01 19.72
C GLY D 164 9.59 -0.98 19.38
N VAL D 165 9.69 -1.64 18.22
CA VAL D 165 8.69 -2.57 17.74
C VAL D 165 9.26 -3.99 17.81
N CYS D 166 8.40 -4.96 18.08
CA CYS D 166 8.70 -6.28 17.57
C CYS D 166 7.42 -7.10 17.47
N THR D 167 7.30 -7.76 16.33
CA THR D 167 6.13 -8.48 15.92
C THR D 167 6.51 -9.94 15.96
N ASP D 168 5.66 -10.76 16.61
CA ASP D 168 5.96 -12.18 16.72
C ASP D 168 6.46 -12.66 15.37
N PRO D 169 7.60 -13.35 15.30
CA PRO D 169 8.05 -13.91 14.02
C PRO D 169 7.25 -15.11 13.56
N GLN D 170 6.35 -15.65 14.38
CA GLN D 170 5.55 -16.74 13.88
C GLN D 170 4.16 -16.65 14.48
N PRO D 171 3.12 -16.94 13.70
CA PRO D 171 1.76 -16.85 14.23
C PRO D 171 1.48 -18.00 15.17
N LEU D 172 0.43 -17.84 15.96
CA LEU D 172 -0.08 -18.87 16.86
C LEU D 172 -1.31 -19.50 16.22
N LYS D 173 -1.38 -20.83 16.23
CA LYS D 173 -2.58 -21.50 15.76
C LYS D 173 -3.64 -21.41 16.84
N GLU D 174 -4.80 -20.82 16.52
CA GLU D 174 -5.88 -20.74 17.50
C GLU D 174 -6.47 -22.11 17.82
N GLN D 175 -6.26 -23.09 16.95
CA GLN D 175 -6.62 -24.48 17.21
C GLN D 175 -5.48 -25.35 16.71
N PRO D 176 -4.40 -25.50 17.51
CA PRO D 176 -3.21 -26.23 17.02
C PRO D 176 -3.51 -27.60 16.42
N ALA D 177 -4.71 -28.13 16.69
CA ALA D 177 -5.08 -29.45 16.19
C ALA D 177 -5.39 -29.44 14.70
N LEU D 178 -6.34 -28.61 14.29
CA LEU D 178 -6.76 -28.56 12.89
C LEU D 178 -5.62 -28.13 11.98
N ASN D 179 -5.69 -28.54 10.72
CA ASN D 179 -4.65 -28.15 9.77
C ASN D 179 -4.91 -26.76 9.19
N ASP D 180 -6.17 -26.44 8.88
CA ASP D 180 -6.54 -25.11 8.45
C ASP D 180 -6.92 -24.21 9.63
N SER D 181 -6.31 -24.42 10.80
CA SER D 181 -6.52 -23.54 11.94
C SER D 181 -6.28 -22.08 11.56
N ARG D 182 -7.16 -21.20 12.04
CA ARG D 182 -6.93 -19.78 11.93
C ARG D 182 -5.78 -19.37 12.85
N TYR D 183 -5.32 -18.13 12.68
CA TYR D 183 -4.09 -17.69 13.32
C TYR D 183 -4.32 -16.42 14.15
N ALA D 184 -3.36 -16.15 15.02
CA ALA D 184 -3.32 -14.91 15.76
C ALA D 184 -1.87 -14.43 15.80
N LEU D 185 -1.68 -13.11 15.84
CA LEU D 185 -0.35 -12.53 15.86
C LEU D 185 -0.37 -11.31 16.77
N SER D 186 0.69 -11.17 17.57
CA SER D 186 0.85 -10.08 18.51
C SER D 186 2.06 -9.22 18.11
N SER D 187 2.00 -7.94 18.44
CA SER D 187 3.14 -7.05 18.28
C SER D 187 3.08 -6.00 19.39
N ARG D 188 4.25 -5.52 19.80
CA ARG D 188 4.37 -4.51 20.83
C ARG D 188 5.07 -3.29 20.26
N LEU D 189 4.63 -2.12 20.65
CA LEU D 189 5.33 -0.89 20.36
C LEU D 189 5.58 -0.24 21.71
N ARG D 190 6.85 -0.02 22.04
CA ARG D 190 7.19 0.61 23.31
C ARG D 190 7.71 2.01 23.06
N VAL D 191 7.15 2.97 23.78
CA VAL D 191 7.59 4.35 23.76
C VAL D 191 7.79 4.77 25.21
N SER D 192 8.37 5.95 25.38
CA SER D 192 8.50 6.50 26.72
C SER D 192 7.12 6.81 27.27
N ALA D 193 7.00 6.72 28.60
CA ALA D 193 5.74 7.08 29.25
C ALA D 193 5.35 8.52 28.95
N THR D 194 6.32 9.44 28.91
CA THR D 194 6.03 10.82 28.60
C THR D 194 5.35 10.95 27.24
N PHE D 195 5.87 10.25 26.24
CA PHE D 195 5.25 10.28 24.92
C PHE D 195 3.83 9.72 24.95
N TRP D 196 3.59 8.70 25.79
CA TRP D 196 2.24 8.14 25.85
C TRP D 196 1.26 9.07 26.55
N GLN D 197 1.75 9.89 27.48
CA GLN D 197 0.87 10.76 28.23
C GLN D 197 0.58 12.07 27.51
N ASN D 198 1.08 12.24 26.28
CA ASN D 198 0.71 13.35 25.43
C ASN D 198 -0.55 12.99 24.66
N PRO D 199 -1.72 13.56 24.97
CA PRO D 199 -2.96 13.15 24.29
C PRO D 199 -3.01 13.56 22.82
N ARG D 200 -2.12 14.46 22.40
CA ARG D 200 -2.04 14.82 21.00
C ARG D 200 -1.37 13.74 20.15
N ASN D 201 -0.86 12.68 20.77
CA ASN D 201 -0.16 11.61 20.06
C ASN D 201 -1.13 10.50 19.68
N HIS D 202 -1.04 10.09 18.41
CA HIS D 202 -1.98 9.14 17.80
C HIS D 202 -1.22 7.88 17.41
N PHE D 203 -1.80 6.72 17.73
CA PHE D 203 -1.18 5.42 17.54
C PHE D 203 -2.15 4.56 16.73
N ARG D 204 -1.61 3.84 15.74
CA ARG D 204 -2.45 2.98 14.91
C ARG D 204 -1.68 1.74 14.54
N CYS D 205 -2.31 0.60 14.80
CA CYS D 205 -1.82 -0.69 14.37
C CYS D 205 -2.50 -1.12 13.09
N GLN D 206 -1.73 -1.48 12.09
CA GLN D 206 -2.25 -1.72 10.75
C GLN D 206 -1.90 -3.13 10.31
N VAL D 207 -2.90 -3.92 9.96
CA VAL D 207 -2.68 -5.26 9.48
C VAL D 207 -3.16 -5.34 8.04
N GLN D 208 -2.21 -5.55 7.13
CA GLN D 208 -2.51 -5.85 5.74
C GLN D 208 -2.74 -7.36 5.58
N PHE D 209 -3.90 -7.74 5.05
CA PHE D 209 -4.30 -9.13 4.90
C PHE D 209 -4.40 -9.42 3.41
N TYR D 210 -3.87 -10.56 2.98
CA TYR D 210 -3.91 -10.95 1.57
C TYR D 210 -4.88 -12.12 1.42
N GLY D 211 -5.98 -11.87 0.70
CA GLY D 211 -7.04 -12.86 0.58
C GLY D 211 -7.55 -13.03 -0.83
N LEU D 212 -8.86 -13.01 -1.00
CA LEU D 212 -9.51 -13.22 -2.28
C LEU D 212 -9.68 -11.87 -3.00
N SER D 213 -9.98 -11.93 -4.30
CA SER D 213 -10.27 -10.74 -5.06
C SER D 213 -11.73 -10.73 -5.53
N GLU D 214 -12.05 -9.76 -6.39
CA GLU D 214 -13.39 -9.64 -6.95
C GLU D 214 -13.70 -10.72 -7.99
N ASN D 215 -12.69 -11.45 -8.48
CA ASN D 215 -12.88 -12.55 -9.42
C ASN D 215 -13.16 -13.88 -8.73
N ASP D 216 -13.23 -13.92 -7.41
CA ASP D 216 -13.44 -15.16 -6.68
C ASP D 216 -14.92 -15.37 -6.43
N GLU D 217 -15.41 -16.54 -6.82
CA GLU D 217 -16.76 -16.96 -6.48
C GLU D 217 -16.82 -17.22 -4.99
N TRP D 218 -17.90 -16.78 -4.36
CA TRP D 218 -18.06 -16.81 -2.92
C TRP D 218 -19.55 -16.85 -2.58
N THR D 219 -19.96 -17.82 -1.75
CA THR D 219 -21.37 -18.01 -1.47
C THR D 219 -21.63 -18.20 0.03
N GLN D 220 -20.72 -17.76 0.88
CA GLN D 220 -20.90 -17.89 2.32
C GLN D 220 -21.78 -16.77 2.86
N ASP D 221 -22.36 -17.03 4.04
CA ASP D 221 -23.18 -16.09 4.79
C ASP D 221 -22.38 -14.88 5.29
N ARG D 222 -21.10 -14.82 5.00
CA ARG D 222 -20.21 -13.76 5.42
C ARG D 222 -19.66 -13.06 4.18
N ALA D 223 -19.25 -11.81 4.34
CA ALA D 223 -18.65 -11.08 3.22
C ALA D 223 -17.37 -11.77 2.76
N LYS D 224 -17.11 -11.69 1.46
CA LYS D 224 -15.88 -12.24 0.92
C LYS D 224 -14.67 -11.73 1.73
N PRO D 225 -13.74 -12.61 2.10
CA PRO D 225 -12.49 -12.22 2.80
C PRO D 225 -11.43 -11.75 1.81
N VAL D 226 -11.68 -10.58 1.23
CA VAL D 226 -10.76 -10.06 0.22
C VAL D 226 -9.56 -9.41 0.91
N THR D 227 -8.48 -9.30 0.14
CA THR D 227 -7.34 -8.46 0.45
C THR D 227 -7.79 -7.11 0.96
N GLN D 228 -7.38 -6.77 2.18
CA GLN D 228 -7.89 -5.59 2.84
C GLN D 228 -6.91 -5.21 3.94
N ILE D 229 -7.11 -4.03 4.50
CA ILE D 229 -6.39 -3.57 5.69
C ILE D 229 -7.39 -3.51 6.86
N VAL D 230 -7.00 -4.05 8.00
CA VAL D 230 -7.78 -3.95 9.23
C VAL D 230 -6.88 -3.32 10.28
N SER D 231 -7.39 -2.28 10.94
CA SER D 231 -6.59 -1.41 11.78
C SER D 231 -7.31 -1.15 13.10
N ALA D 232 -6.53 -0.87 14.13
CA ALA D 232 -7.07 -0.34 15.37
C ALA D 232 -6.19 0.82 15.83
N GLU D 233 -6.77 1.67 16.67
CA GLU D 233 -6.07 2.88 17.06
C GLU D 233 -6.29 3.20 18.53
N ALA D 234 -5.34 3.97 19.09
CA ALA D 234 -5.43 4.56 20.41
C ALA D 234 -4.82 5.96 20.36
N TRP D 235 -5.22 6.80 21.29
CA TRP D 235 -4.61 8.13 21.45
C TRP D 235 -3.87 8.17 22.79
N GLY D 236 -3.06 9.20 22.96
CA GLY D 236 -2.39 9.41 24.23
C GLY D 236 -3.36 9.77 25.33
N ARG D 237 -3.00 9.42 26.56
CA ARG D 237 -3.85 9.61 27.72
C ARG D 237 -3.00 10.25 28.81
N ALA D 238 -3.33 11.49 29.17
CA ALA D 238 -2.60 12.16 30.24
C ALA D 238 -2.80 11.45 31.57
N ASP D 239 -4.04 11.06 31.85
CA ASP D 239 -4.36 10.32 33.07
C ASP D 239 -5.62 9.48 32.88
#